data_6E1Z
#
_entry.id   6E1Z
#
_cell.length_a   46.589
_cell.length_b   53.252
_cell.length_c   65.524
_cell.angle_alpha   71.94
_cell.angle_beta   89.94
_cell.angle_gamma   73.61
#
_symmetry.space_group_name_H-M   'P 1'
#
loop_
_entity.id
_entity.type
_entity.pdbx_description
1 polymer 'WD repeat-containing protein 5'
2 non-polymer '5-[(1H-imidazol-1-yl)methyl]furan-2-carboxylic acid'
3 water water
#
_entity_poly.entity_id   1
_entity_poly.type   'polypeptide(L)'
_entity_poly.pdbx_seq_one_letter_code
;SATQSKPTPVKPNYALKFTLAGHTKAVSSVKFSPNGEWLASSSADKLIKIWGAYDGKFEKTISGHKLGISDVAWSSDSNL
LVSASDDKTLKIWDVSSGKCLKTLKGHSNYVFCCNFNPQSNLIVSGSFDESVRIWDVKTGKCLKTLPAHSDPVSAVHFNR
DGSLIVSSSYDGLCRIWDTASGQCLKTLIDDDNPPVSFVKFSPNGKYILAATLDNTLKLWDYSKGKCLKTYTGHKNEKYC
IFANFSVTGGKWIVSGSEDNLVYIWNLQTKEIVQKLQGHTDVVISTACHPTENIIASAALENDKTIKLWKSDC
;
_entity_poly.pdbx_strand_id   A,B
#
loop_
_chem_comp.id
_chem_comp.type
_chem_comp.name
_chem_comp.formula
HLP non-polymer '5-[(1H-imidazol-1-yl)methyl]furan-2-carboxylic acid' 'C9 H8 N2 O3'
#
# COMPACT_ATOMS: atom_id res chain seq x y z
N PRO A 7 29.49 34.84 -3.29
CA PRO A 7 30.00 33.46 -3.31
C PRO A 7 29.73 32.78 -1.97
N THR A 8 29.63 31.46 -1.95
CA THR A 8 29.39 30.74 -0.72
C THR A 8 30.63 30.83 0.17
N PRO A 9 30.51 31.31 1.40
CA PRO A 9 31.69 31.39 2.28
C PRO A 9 32.10 30.01 2.75
N VAL A 10 33.24 29.97 3.43
CA VAL A 10 33.76 28.69 3.91
C VAL A 10 32.78 28.04 4.89
N LYS A 11 32.10 28.84 5.71
CA LYS A 11 31.13 28.25 6.62
C LYS A 11 30.16 29.34 7.07
N PRO A 12 28.94 28.96 7.42
CA PRO A 12 28.06 29.88 8.12
C PRO A 12 28.44 29.89 9.59
N ASN A 13 27.75 30.75 10.35
CA ASN A 13 27.98 30.85 11.79
C ASN A 13 26.65 30.91 12.54
N TYR A 14 25.76 29.97 12.22
CA TYR A 14 24.49 29.89 12.93
C TYR A 14 24.71 29.81 14.43
N ALA A 15 23.97 30.64 15.16
CA ALA A 15 24.01 30.70 16.61
C ALA A 15 22.58 30.71 17.14
N LEU A 16 22.37 30.10 18.29
CA LEU A 16 21.05 29.96 18.84
C LEU A 16 20.53 31.32 19.27
N LYS A 17 19.33 31.65 18.81
CA LYS A 17 18.69 32.90 19.19
C LYS A 17 17.47 32.72 20.07
N PHE A 18 16.62 31.72 19.83
CA PHE A 18 15.41 31.52 20.62
C PHE A 18 15.13 30.03 20.75
N THR A 19 14.52 29.65 21.88
CA THR A 19 13.96 28.32 22.07
C THR A 19 12.47 28.46 22.35
N LEU A 20 11.68 27.73 21.58
CA LEU A 20 10.21 27.85 21.57
C LEU A 20 9.62 26.60 22.21
N ALA A 21 9.08 26.76 23.42
CA ALA A 21 8.44 25.68 24.16
C ALA A 21 6.93 25.84 24.12
N GLY A 22 6.23 24.72 24.17
CA GLY A 22 4.78 24.75 24.23
C GLY A 22 4.17 23.44 23.83
N HIS A 23 4.74 22.74 22.84
CA HIS A 23 4.21 21.44 22.49
C HIS A 23 4.45 20.47 23.65
N THR A 24 3.55 19.50 23.78
CA THR A 24 3.58 18.57 24.91
C THR A 24 3.94 17.15 24.51
N LYS A 25 4.14 16.91 23.22
CA LYS A 25 4.68 15.66 22.70
C LYS A 25 5.69 16.04 21.61
N ALA A 26 6.28 15.04 20.97
CA ALA A 26 7.27 15.30 19.94
C ALA A 26 6.78 16.30 18.91
N VAL A 27 7.68 17.18 18.50
CA VAL A 27 7.41 18.01 17.35
C VAL A 27 7.60 17.13 16.13
N SER A 28 6.78 17.34 15.09
CA SER A 28 6.91 16.57 13.86
C SER A 28 7.38 17.37 12.66
N SER A 29 7.12 18.68 12.61
N SER A 29 7.05 18.66 12.58
CA SER A 29 7.46 19.46 11.42
CA SER A 29 7.50 19.45 11.44
C SER A 29 7.46 20.93 11.79
C SER A 29 7.50 20.91 11.84
N VAL A 30 8.38 21.68 11.19
CA VAL A 30 8.39 23.13 11.29
C VAL A 30 8.55 23.69 9.87
N LYS A 31 7.87 24.80 9.58
CA LYS A 31 7.88 25.41 8.25
C LYS A 31 7.72 26.92 8.39
N PHE A 32 8.55 27.69 7.67
CA PHE A 32 8.38 29.13 7.63
C PHE A 32 7.35 29.53 6.58
N SER A 33 6.54 30.53 6.89
CA SER A 33 5.63 31.06 5.89
C SER A 33 6.43 31.71 4.75
N PRO A 34 5.92 31.63 3.51
CA PRO A 34 6.64 32.26 2.39
C PRO A 34 6.90 33.74 2.57
N ASN A 35 6.00 34.46 3.24
CA ASN A 35 6.21 35.89 3.46
C ASN A 35 7.16 36.19 4.60
N GLY A 36 7.74 35.17 5.24
CA GLY A 36 8.77 35.33 6.23
C GLY A 36 8.33 35.67 7.62
N GLU A 37 7.02 35.93 7.84
N GLU A 37 7.05 35.90 7.85
CA GLU A 37 6.58 36.45 9.12
CA GLU A 37 6.63 36.45 9.13
C GLU A 37 6.52 35.36 10.18
C GLU A 37 6.40 35.39 10.18
N TRP A 38 6.15 34.13 9.79
CA TRP A 38 5.73 33.13 10.76
C TRP A 38 6.52 31.84 10.61
N LEU A 39 6.57 31.10 11.71
CA LEU A 39 6.92 29.68 11.72
C LEU A 39 5.67 28.92 12.18
N ALA A 40 5.33 27.84 11.46
CA ALA A 40 4.31 26.91 11.90
C ALA A 40 4.96 25.61 12.37
N SER A 41 4.44 25.04 13.43
CA SER A 41 4.92 23.76 13.91
C SER A 41 3.74 22.83 14.08
N SER A 42 3.99 21.54 13.86
CA SER A 42 3.02 20.50 14.13
C SER A 42 3.60 19.51 15.14
N SER A 43 2.72 18.72 15.79
CA SER A 43 3.18 17.82 16.82
C SER A 43 2.25 16.61 16.98
N ALA A 44 2.83 15.58 17.58
CA ALA A 44 2.07 14.44 18.06
C ALA A 44 1.03 14.83 19.11
N ASP A 45 1.11 16.02 19.68
CA ASP A 45 0.11 16.52 20.62
C ASP A 45 -1.17 17.01 19.95
N LYS A 46 -1.34 16.80 18.64
CA LYS A 46 -2.56 17.12 17.89
C LYS A 46 -2.68 18.59 17.54
N LEU A 47 -1.68 19.40 17.80
CA LEU A 47 -1.78 20.83 17.66
C LEU A 47 -0.82 21.37 16.60
N ILE A 48 -1.26 22.47 15.99
CA ILE A 48 -0.40 23.36 15.21
C ILE A 48 -0.16 24.59 16.04
N LYS A 49 1.09 25.07 16.07
CA LYS A 49 1.39 26.34 16.71
C LYS A 49 2.05 27.28 15.73
N ILE A 50 1.74 28.57 15.89
CA ILE A 50 2.25 29.63 15.04
C ILE A 50 3.10 30.53 15.92
N TRP A 51 4.28 30.88 15.42
CA TRP A 51 5.30 31.65 16.14
C TRP A 51 5.84 32.75 15.24
N GLY A 52 6.24 33.87 15.82
CA GLY A 52 6.90 34.90 15.03
C GLY A 52 8.27 34.44 14.58
N ALA A 53 8.55 34.59 13.28
CA ALA A 53 9.75 34.03 12.69
C ALA A 53 11.01 34.73 13.15
N TYR A 54 10.91 36.02 13.48
CA TYR A 54 12.08 36.82 13.80
C TYR A 54 12.37 36.90 15.28
N ASP A 55 11.33 36.86 16.13
CA ASP A 55 11.51 36.97 17.56
C ASP A 55 11.02 35.77 18.34
N GLY A 56 10.57 34.72 17.66
CA GLY A 56 10.08 33.53 18.32
C GLY A 56 8.77 33.68 19.06
N LYS A 57 8.09 34.81 18.93
CA LYS A 57 6.94 35.10 19.79
C LYS A 57 5.79 34.16 19.50
N PHE A 58 5.29 33.46 20.52
CA PHE A 58 4.14 32.59 20.32
C PHE A 58 2.96 33.41 19.87
N GLU A 59 2.29 32.95 18.82
CA GLU A 59 1.17 33.67 18.26
C GLU A 59 -0.15 32.98 18.59
N LYS A 60 -0.31 31.70 18.23
CA LYS A 60 -1.57 31.02 18.47
C LYS A 60 -1.40 29.51 18.32
N THR A 61 -2.38 28.80 18.85
CA THR A 61 -2.56 27.37 18.66
C THR A 61 -3.77 27.12 17.77
N ILE A 62 -3.62 26.21 16.82
CA ILE A 62 -4.68 25.81 15.91
C ILE A 62 -5.02 24.36 16.20
N SER A 63 -6.28 24.08 16.52
N SER A 63 -6.28 24.10 16.57
CA SER A 63 -6.67 22.78 17.03
CA SER A 63 -6.72 22.80 17.08
C SER A 63 -7.88 22.24 16.27
C SER A 63 -7.86 22.24 16.24
N GLY A 64 -7.98 20.91 16.26
CA GLY A 64 -9.11 20.25 15.66
C GLY A 64 -8.85 18.82 15.24
N HIS A 65 -7.62 18.47 14.89
CA HIS A 65 -7.32 17.08 14.62
C HIS A 65 -7.57 16.24 15.86
N LYS A 66 -7.94 14.98 15.64
CA LYS A 66 -8.28 14.08 16.72
C LYS A 66 -7.12 13.21 17.18
N LEU A 67 -6.05 13.13 16.39
CA LEU A 67 -4.83 12.41 16.71
C LEU A 67 -3.68 13.26 16.25
N GLY A 68 -2.46 12.77 16.48
CA GLY A 68 -1.26 13.53 16.20
C GLY A 68 -1.12 13.93 14.75
N ILE A 69 -0.34 14.98 14.56
CA ILE A 69 -0.09 15.55 13.25
C ILE A 69 1.36 15.27 12.89
N SER A 70 1.59 14.82 11.65
CA SER A 70 2.96 14.57 11.19
C SER A 70 3.54 15.69 10.36
N ASP A 71 2.73 16.53 9.72
CA ASP A 71 3.25 17.51 8.79
C ASP A 71 2.26 18.65 8.66
N VAL A 72 2.79 19.83 8.35
CA VAL A 72 2.00 21.02 8.05
C VAL A 72 2.73 21.74 6.92
N ALA A 73 1.98 22.44 6.06
CA ALA A 73 2.58 23.18 4.95
C ALA A 73 1.76 24.43 4.67
N TRP A 74 2.45 25.47 4.19
CA TRP A 74 1.86 26.77 3.90
C TRP A 74 1.46 26.91 2.44
N SER A 75 0.40 27.68 2.20
CA SER A 75 0.09 28.12 0.85
C SER A 75 1.03 29.25 0.44
N SER A 76 1.07 29.50 -0.87
CA SER A 76 2.03 30.44 -1.45
C SER A 76 1.83 31.85 -0.95
N ASP A 77 0.59 32.22 -0.63
CA ASP A 77 0.28 33.57 -0.15
C ASP A 77 0.34 33.68 1.37
N SER A 78 0.79 32.63 2.05
CA SER A 78 0.95 32.61 3.50
C SER A 78 -0.36 32.67 4.28
N ASN A 79 -1.51 32.49 3.64
CA ASN A 79 -2.77 32.64 4.35
C ASN A 79 -3.38 31.33 4.82
N LEU A 80 -2.99 30.21 4.20
CA LEU A 80 -3.54 28.91 4.54
C LEU A 80 -2.46 27.95 4.98
N LEU A 81 -2.86 26.97 5.79
CA LEU A 81 -2.04 25.83 6.11
C LEU A 81 -2.80 24.56 5.78
N VAL A 82 -2.07 23.51 5.46
CA VAL A 82 -2.65 22.17 5.42
C VAL A 82 -1.85 21.31 6.38
N SER A 83 -2.56 20.42 7.08
CA SER A 83 -1.94 19.50 8.01
C SER A 83 -2.34 18.06 7.69
N ALA A 84 -1.43 17.14 7.99
CA ALA A 84 -1.61 15.71 7.77
C ALA A 84 -1.58 14.98 9.10
N SER A 85 -2.62 14.18 9.39
CA SER A 85 -2.78 13.59 10.70
C SER A 85 -2.98 12.08 10.71
N ASP A 86 -2.65 11.51 11.87
CA ASP A 86 -2.95 10.11 12.17
C ASP A 86 -4.45 9.83 12.23
N ASP A 87 -5.29 10.87 12.31
CA ASP A 87 -6.74 10.68 12.25
C ASP A 87 -7.24 10.38 10.84
N LYS A 88 -6.32 10.19 9.89
CA LYS A 88 -6.57 9.76 8.52
C LYS A 88 -7.05 10.90 7.65
N THR A 89 -7.03 12.13 8.16
CA THR A 89 -7.48 13.29 7.41
C THR A 89 -6.34 14.28 7.22
N LEU A 90 -6.54 15.17 6.25
CA LEU A 90 -5.87 16.45 6.23
C LEU A 90 -6.89 17.53 6.55
N LYS A 91 -6.40 18.64 7.08
CA LYS A 91 -7.26 19.80 7.30
C LYS A 91 -6.60 21.01 6.66
N ILE A 92 -7.42 21.83 6.02
CA ILE A 92 -7.02 23.12 5.48
C ILE A 92 -7.48 24.18 6.46
N TRP A 93 -6.58 25.08 6.82
CA TRP A 93 -6.81 26.05 7.88
C TRP A 93 -6.60 27.47 7.35
N ASP A 94 -7.49 28.37 7.77
CA ASP A 94 -7.25 29.78 7.61
C ASP A 94 -6.41 30.25 8.79
N VAL A 95 -5.18 30.67 8.52
CA VAL A 95 -4.26 30.95 9.61
C VAL A 95 -4.76 32.12 10.46
N SER A 96 -5.34 33.15 9.81
N SER A 96 -5.32 33.15 9.81
CA SER A 96 -5.74 34.34 10.55
CA SER A 96 -5.75 34.34 10.55
C SER A 96 -6.87 34.04 11.53
C SER A 96 -6.86 34.01 11.54
N SER A 97 -7.85 33.22 11.11
CA SER A 97 -8.97 32.91 11.98
C SER A 97 -8.74 31.66 12.80
N GLY A 98 -7.77 30.83 12.42
CA GLY A 98 -7.59 29.55 13.06
C GLY A 98 -8.64 28.52 12.70
N LYS A 99 -9.55 28.83 11.79
CA LYS A 99 -10.63 27.91 11.50
C LYS A 99 -10.27 26.89 10.45
N CYS A 100 -10.81 25.69 10.63
CA CYS A 100 -10.71 24.62 9.64
C CYS A 100 -11.69 24.90 8.52
N LEU A 101 -11.16 25.12 7.31
CA LEU A 101 -11.99 25.39 6.15
C LEU A 101 -12.51 24.12 5.52
N LYS A 102 -11.69 23.08 5.46
N LYS A 102 -11.70 23.07 5.47
CA LYS A 102 -12.07 21.81 4.87
CA LYS A 102 -12.07 21.80 4.86
C LYS A 102 -11.34 20.70 5.59
C LYS A 102 -11.34 20.69 5.58
N THR A 103 -12.01 19.55 5.71
CA THR A 103 -11.38 18.30 6.14
C THR A 103 -11.36 17.36 4.95
N LEU A 104 -10.15 16.90 4.60
CA LEU A 104 -9.91 16.09 3.41
C LEU A 104 -9.91 14.63 3.82
N LYS A 105 -10.98 13.93 3.47
CA LYS A 105 -11.23 12.55 3.87
C LYS A 105 -11.07 11.64 2.67
N GLY A 106 -10.39 10.51 2.89
CA GLY A 106 -10.25 9.52 1.85
C GLY A 106 -9.13 8.53 2.10
N HIS A 107 -8.03 8.98 2.68
CA HIS A 107 -7.00 8.02 3.06
C HIS A 107 -7.56 7.03 4.08
N SER A 108 -7.00 5.81 4.06
CA SER A 108 -7.47 4.73 4.95
C SER A 108 -6.50 4.44 6.09
N ASN A 109 -5.47 5.27 6.26
N ASN A 109 -5.46 5.24 6.25
CA ASN A 109 -4.49 5.11 7.32
CA ASN A 109 -4.53 5.11 7.36
C ASN A 109 -3.88 6.49 7.54
C ASN A 109 -3.91 6.49 7.58
N TYR A 110 -2.92 6.56 8.46
CA TYR A 110 -2.31 7.83 8.83
C TYR A 110 -1.90 8.62 7.59
N VAL A 111 -2.13 9.92 7.59
CA VAL A 111 -1.57 10.80 6.56
C VAL A 111 -0.26 11.36 7.10
N PHE A 112 0.81 11.18 6.35
CA PHE A 112 2.13 11.47 6.86
C PHE A 112 2.74 12.75 6.33
N CYS A 113 2.44 13.12 5.08
CA CYS A 113 3.12 14.22 4.42
C CYS A 113 2.13 14.98 3.53
N CYS A 114 2.41 16.27 3.34
CA CYS A 114 1.52 17.10 2.53
C CYS A 114 2.26 18.33 2.02
N ASN A 115 1.70 18.91 0.96
CA ASN A 115 2.24 20.13 0.40
C ASN A 115 1.21 20.75 -0.54
N PHE A 116 1.26 22.06 -0.68
CA PHE A 116 0.50 22.77 -1.71
C PHE A 116 1.35 22.84 -2.99
N ASN A 117 0.68 22.99 -4.14
CA ASN A 117 1.37 23.37 -5.37
C ASN A 117 1.64 24.87 -5.35
N PRO A 118 2.52 25.36 -6.23
CA PRO A 118 2.79 26.82 -6.24
C PRO A 118 1.56 27.66 -6.46
N GLN A 119 0.62 27.18 -7.28
CA GLN A 119 -0.62 27.89 -7.52
C GLN A 119 -1.49 27.88 -6.28
N SER A 120 -1.24 26.93 -5.38
N SER A 120 -1.22 26.96 -5.34
CA SER A 120 -2.01 26.70 -4.17
CA SER A 120 -2.00 26.71 -4.13
C SER A 120 -3.49 26.44 -4.43
C SER A 120 -3.47 26.34 -4.39
N ASN A 121 -3.77 25.82 -5.58
CA ASN A 121 -5.07 25.27 -5.88
C ASN A 121 -5.15 23.77 -5.63
N LEU A 122 -4.01 23.10 -5.44
CA LEU A 122 -3.97 21.68 -5.15
C LEU A 122 -3.15 21.41 -3.90
N ILE A 123 -3.54 20.37 -3.19
CA ILE A 123 -2.73 19.75 -2.15
C ILE A 123 -2.39 18.33 -2.59
N VAL A 124 -1.15 17.92 -2.34
CA VAL A 124 -0.75 16.53 -2.48
C VAL A 124 -0.51 15.97 -1.08
N SER A 125 -0.89 14.72 -0.89
CA SER A 125 -0.71 14.02 0.38
C SER A 125 -0.15 12.63 0.14
N GLY A 126 0.57 12.13 1.13
CA GLY A 126 1.00 10.75 1.15
C GLY A 126 0.67 10.11 2.49
N SER A 127 0.41 8.81 2.45
CA SER A 127 -0.13 8.12 3.60
C SER A 127 0.50 6.76 3.83
N PHE A 128 0.33 6.30 5.07
N PHE A 128 0.34 6.31 5.09
CA PHE A 128 0.66 4.92 5.41
CA PHE A 128 0.61 4.92 5.46
C PHE A 128 -0.17 3.93 4.60
C PHE A 128 -0.15 3.95 4.60
N ASP A 129 -1.28 4.38 3.99
CA ASP A 129 -2.05 3.53 3.10
C ASP A 129 -1.39 3.29 1.75
N GLU A 130 -0.19 3.83 1.52
CA GLU A 130 0.65 3.53 0.36
C GLU A 130 0.21 4.32 -0.86
N SER A 131 -0.74 5.23 -0.71
CA SER A 131 -1.20 6.04 -1.83
C SER A 131 -0.76 7.49 -1.69
N VAL A 132 -0.80 8.17 -2.83
CA VAL A 132 -0.67 9.63 -2.93
C VAL A 132 -2.02 10.14 -3.41
N ARG A 133 -2.55 11.18 -2.77
CA ARG A 133 -3.80 11.78 -3.20
C ARG A 133 -3.56 13.23 -3.58
N ILE A 134 -4.34 13.69 -4.56
CA ILE A 134 -4.30 15.07 -5.04
C ILE A 134 -5.68 15.65 -4.82
N TRP A 135 -5.74 16.79 -4.14
CA TRP A 135 -7.00 17.37 -3.66
C TRP A 135 -7.15 18.80 -4.18
N ASP A 136 -8.40 19.15 -4.48
CA ASP A 136 -8.74 20.53 -4.81
C ASP A 136 -8.89 21.34 -3.51
N VAL A 137 -8.14 22.46 -3.41
CA VAL A 137 -8.15 23.26 -2.17
C VAL A 137 -9.51 23.89 -1.93
N LYS A 138 -10.10 24.48 -2.97
CA LYS A 138 -11.32 25.27 -2.81
C LYS A 138 -12.46 24.40 -2.34
N THR A 139 -12.61 23.21 -2.94
CA THR A 139 -13.75 22.36 -2.63
C THR A 139 -13.44 21.27 -1.62
N GLY A 140 -12.17 20.93 -1.45
CA GLY A 140 -11.80 19.80 -0.63
C GLY A 140 -11.99 18.45 -1.27
N LYS A 141 -12.34 18.41 -2.56
CA LYS A 141 -12.57 17.16 -3.25
C LYS A 141 -11.25 16.47 -3.57
N CYS A 142 -11.24 15.15 -3.42
CA CYS A 142 -10.11 14.36 -3.88
C CYS A 142 -10.23 14.21 -5.40
N LEU A 143 -9.25 14.75 -6.13
CA LEU A 143 -9.25 14.66 -7.58
C LEU A 143 -8.67 13.35 -8.09
N LYS A 144 -7.61 12.86 -7.46
CA LYS A 144 -6.93 11.66 -7.91
C LYS A 144 -6.38 10.90 -6.72
N THR A 145 -6.40 9.57 -6.83
CA THR A 145 -5.71 8.67 -5.92
C THR A 145 -4.70 7.86 -6.74
N LEU A 146 -3.44 8.00 -6.42
CA LEU A 146 -2.38 7.30 -7.15
C LEU A 146 -1.92 6.12 -6.33
N PRO A 147 -1.88 4.92 -6.92
CA PRO A 147 -1.37 3.73 -6.21
C PRO A 147 0.15 3.74 -6.29
N ALA A 148 0.73 4.69 -5.55
CA ALA A 148 2.08 5.14 -5.86
C ALA A 148 3.16 4.20 -5.37
N HIS A 149 2.94 3.52 -4.26
CA HIS A 149 3.98 2.81 -3.54
C HIS A 149 3.43 1.53 -2.93
N SER A 150 4.33 0.70 -2.39
CA SER A 150 3.95 -0.55 -1.77
C SER A 150 4.33 -0.59 -0.29
N ASP A 151 4.56 0.59 0.29
CA ASP A 151 4.79 0.77 1.71
C ASP A 151 4.48 2.24 2.00
N PRO A 152 4.51 2.66 3.27
CA PRO A 152 4.11 4.04 3.58
C PRO A 152 4.86 5.07 2.76
N VAL A 153 4.15 6.13 2.38
CA VAL A 153 4.71 7.25 1.62
C VAL A 153 5.33 8.26 2.58
N SER A 154 6.62 8.52 2.41
CA SER A 154 7.37 9.34 3.34
C SER A 154 7.42 10.81 2.95
N ALA A 155 7.26 11.16 1.68
CA ALA A 155 7.30 12.57 1.29
C ALA A 155 6.58 12.74 -0.05
N VAL A 156 6.03 13.95 -0.25
CA VAL A 156 5.43 14.38 -1.51
C VAL A 156 5.72 15.85 -1.68
N HIS A 157 6.06 16.27 -2.91
CA HIS A 157 6.44 17.66 -3.14
C HIS A 157 6.19 18.02 -4.61
N PHE A 158 5.67 19.23 -4.85
CA PHE A 158 5.52 19.70 -6.21
C PHE A 158 6.76 20.46 -6.67
N ASN A 159 7.03 20.44 -7.97
CA ASN A 159 8.09 21.27 -8.54
C ASN A 159 7.60 22.72 -8.75
N ARG A 160 8.50 23.55 -9.29
CA ARG A 160 8.30 24.99 -9.31
C ARG A 160 7.14 25.42 -10.20
N ASP A 161 6.85 24.70 -11.28
CA ASP A 161 5.69 25.06 -12.10
C ASP A 161 4.44 24.26 -11.76
N GLY A 162 4.50 23.37 -10.78
CA GLY A 162 3.36 22.57 -10.38
C GLY A 162 3.07 21.38 -11.25
N SER A 163 3.81 21.18 -12.33
CA SER A 163 3.48 20.13 -13.28
C SER A 163 3.92 18.76 -12.84
N LEU A 164 4.84 18.68 -11.87
CA LEU A 164 5.37 17.40 -11.40
C LEU A 164 5.19 17.28 -9.90
N ILE A 165 5.01 16.04 -9.44
CA ILE A 165 5.04 15.66 -8.04
C ILE A 165 6.13 14.60 -7.88
N VAL A 166 6.99 14.76 -6.87
CA VAL A 166 7.93 13.73 -6.49
C VAL A 166 7.42 13.08 -5.21
N SER A 167 7.49 11.75 -5.15
CA SER A 167 7.11 11.00 -3.98
C SER A 167 8.22 10.02 -3.61
N SER A 168 8.25 9.66 -2.33
CA SER A 168 9.19 8.66 -1.83
C SER A 168 8.47 7.74 -0.86
N SER A 169 9.09 6.59 -0.59
CA SER A 169 8.48 5.60 0.29
C SER A 169 9.51 4.69 0.92
N TYR A 170 9.06 4.08 2.02
CA TYR A 170 9.78 2.99 2.64
C TYR A 170 9.95 1.79 1.73
N ASP A 171 9.22 1.72 0.61
CA ASP A 171 9.43 0.65 -0.36
C ASP A 171 10.77 0.75 -1.09
N GLY A 172 11.50 1.84 -0.90
CA GLY A 172 12.77 2.06 -1.55
C GLY A 172 12.70 2.86 -2.81
N LEU A 173 11.52 3.28 -3.23
CA LEU A 173 11.37 3.99 -4.48
C LEU A 173 11.23 5.50 -4.30
N CYS A 174 11.68 6.21 -5.33
CA CYS A 174 11.35 7.59 -5.56
C CYS A 174 10.77 7.69 -6.95
N ARG A 175 9.56 8.23 -7.06
CA ARG A 175 8.85 8.33 -8.33
C ARG A 175 8.44 9.77 -8.59
N ILE A 176 8.38 10.11 -9.88
CA ILE A 176 7.91 11.42 -10.31
C ILE A 176 6.66 11.22 -11.14
N TRP A 177 5.64 12.02 -10.82
CA TRP A 177 4.29 11.89 -11.34
C TRP A 177 3.94 13.15 -12.11
N ASP A 178 3.21 12.98 -13.21
CA ASP A 178 2.59 14.10 -13.91
C ASP A 178 1.35 14.55 -13.13
N THR A 179 1.33 15.81 -12.67
CA THR A 179 0.20 16.26 -11.86
C THR A 179 -1.12 16.13 -12.60
N ALA A 180 -1.15 16.52 -13.87
CA ALA A 180 -2.42 16.68 -14.56
C ALA A 180 -3.09 15.33 -14.79
N SER A 181 -2.31 14.29 -15.10
CA SER A 181 -2.87 12.99 -15.41
C SER A 181 -2.72 11.99 -14.28
N GLY A 182 -1.85 12.25 -13.31
CA GLY A 182 -1.55 11.29 -12.28
C GLY A 182 -0.66 10.15 -12.68
N GLN A 183 -0.18 10.11 -13.91
CA GLN A 183 0.60 8.97 -14.38
C GLN A 183 2.07 9.17 -14.07
N CYS A 184 2.78 8.06 -13.89
CA CYS A 184 4.19 8.13 -13.54
C CYS A 184 5.03 8.49 -14.75
N LEU A 185 5.89 9.49 -14.58
CA LEU A 185 6.86 9.88 -15.60
C LEU A 185 8.14 9.07 -15.50
N LYS A 186 8.60 8.78 -14.29
CA LYS A 186 9.90 8.16 -14.08
C LYS A 186 9.93 7.57 -12.68
N THR A 187 10.58 6.42 -12.54
CA THR A 187 11.04 5.94 -11.24
C THR A 187 12.53 6.30 -11.15
N LEU A 188 12.83 7.31 -10.31
CA LEU A 188 14.19 7.84 -10.20
C LEU A 188 15.09 6.91 -9.42
N ILE A 189 14.55 6.34 -8.34
CA ILE A 189 15.27 5.40 -7.49
C ILE A 189 14.42 4.15 -7.48
N ASP A 190 14.98 3.05 -7.99
CA ASP A 190 14.27 1.80 -8.21
C ASP A 190 15.03 0.69 -7.47
N ASP A 191 15.10 0.80 -6.15
CA ASP A 191 15.69 -0.19 -5.28
C ASP A 191 14.61 -0.60 -4.29
N ASP A 192 14.71 -1.81 -3.74
CA ASP A 192 13.77 -2.25 -2.72
C ASP A 192 14.29 -2.02 -1.30
N ASN A 193 15.45 -1.42 -1.17
CA ASN A 193 16.13 -1.17 0.09
C ASN A 193 17.30 -0.28 -0.28
N PRO A 194 17.60 0.77 0.49
CA PRO A 194 16.94 1.21 1.74
C PRO A 194 15.69 2.02 1.49
N PRO A 195 14.90 2.18 2.55
CA PRO A 195 13.81 3.15 2.50
C PRO A 195 14.30 4.51 2.05
N VAL A 196 13.49 5.17 1.22
CA VAL A 196 13.69 6.58 0.86
C VAL A 196 12.77 7.35 1.81
N SER A 197 13.38 8.12 2.71
CA SER A 197 12.69 8.71 3.84
C SER A 197 12.30 10.16 3.62
N PHE A 198 12.82 10.82 2.60
CA PHE A 198 12.46 12.19 2.32
C PHE A 198 12.87 12.49 0.89
N VAL A 199 12.07 13.30 0.18
CA VAL A 199 12.46 13.85 -1.10
C VAL A 199 11.85 15.23 -1.25
N LYS A 200 12.53 16.07 -2.04
CA LYS A 200 11.90 17.30 -2.52
C LYS A 200 12.66 17.77 -3.75
N PHE A 201 11.99 18.57 -4.57
CA PHE A 201 12.66 19.26 -5.66
C PHE A 201 13.50 20.43 -5.14
N SER A 202 14.58 20.71 -5.87
CA SER A 202 15.35 21.92 -5.65
C SER A 202 14.50 23.13 -6.06
N PRO A 203 14.88 24.32 -5.61
CA PRO A 203 14.07 25.50 -5.93
C PRO A 203 13.84 25.72 -7.41
N ASN A 204 14.82 25.43 -8.26
CA ASN A 204 14.62 25.62 -9.68
C ASN A 204 13.99 24.43 -10.36
N GLY A 205 13.74 23.34 -9.63
CA GLY A 205 13.05 22.20 -10.18
C GLY A 205 13.92 21.22 -10.93
N LYS A 206 15.22 21.49 -11.07
CA LYS A 206 16.07 20.63 -11.89
C LYS A 206 16.61 19.44 -11.12
N TYR A 207 16.69 19.53 -9.80
CA TYR A 207 17.29 18.50 -8.98
C TYR A 207 16.28 18.00 -7.96
N ILE A 208 16.56 16.80 -7.44
CA ILE A 208 15.79 16.20 -6.36
C ILE A 208 16.75 15.84 -5.23
N LEU A 209 16.45 16.31 -4.03
CA LEU A 209 17.21 15.97 -2.83
C LEU A 209 16.49 14.80 -2.16
N ALA A 210 17.23 13.73 -1.89
CA ALA A 210 16.61 12.50 -1.38
C ALA A 210 17.42 11.98 -0.20
N ALA A 211 16.73 11.60 0.87
CA ALA A 211 17.33 10.94 2.02
C ALA A 211 16.98 9.46 1.98
N THR A 212 17.93 8.63 2.38
CA THR A 212 17.70 7.20 2.55
C THR A 212 18.09 6.82 3.98
N LEU A 213 17.48 5.75 4.51
CA LEU A 213 17.71 5.35 5.91
C LEU A 213 19.00 4.54 6.06
N ASP A 214 20.08 5.11 5.54
CA ASP A 214 21.43 4.59 5.69
C ASP A 214 22.39 5.76 5.83
N ASN A 215 21.94 6.84 6.47
CA ASN A 215 22.82 7.95 6.80
C ASN A 215 23.34 8.64 5.54
N THR A 216 22.45 8.88 4.57
CA THR A 216 22.86 9.42 3.29
C THR A 216 21.81 10.39 2.76
N LEU A 217 22.27 11.55 2.29
CA LEU A 217 21.49 12.43 1.45
C LEU A 217 22.12 12.47 0.07
N LYS A 218 21.32 12.60 -0.97
CA LYS A 218 21.82 12.67 -2.33
C LYS A 218 21.08 13.75 -3.10
N LEU A 219 21.81 14.46 -3.97
CA LEU A 219 21.22 15.37 -4.92
C LEU A 219 21.24 14.70 -6.29
N TRP A 220 20.06 14.54 -6.89
CA TRP A 220 19.87 13.89 -8.16
C TRP A 220 19.52 14.91 -9.24
N ASP A 221 20.02 14.68 -10.45
CA ASP A 221 19.55 15.41 -11.62
C ASP A 221 18.28 14.72 -12.10
N TYR A 222 17.14 15.42 -12.04
CA TYR A 222 15.87 14.82 -12.42
C TYR A 222 15.90 14.38 -13.88
N SER A 223 16.35 15.26 -14.76
CA SER A 223 16.30 15.00 -16.20
C SER A 223 17.15 13.80 -16.59
N LYS A 224 18.35 13.71 -16.04
CA LYS A 224 19.29 12.67 -16.42
C LYS A 224 19.12 11.44 -15.57
N GLY A 225 18.41 11.54 -14.45
CA GLY A 225 18.23 10.40 -13.57
C GLY A 225 19.49 9.95 -12.89
N LYS A 226 20.45 10.86 -12.64
CA LYS A 226 21.75 10.51 -12.10
C LYS A 226 22.05 11.28 -10.82
N CYS A 227 22.79 10.64 -9.92
CA CYS A 227 23.18 11.27 -8.67
C CYS A 227 24.37 12.18 -8.92
N LEU A 228 24.23 13.43 -8.50
CA LEU A 228 25.28 14.42 -8.67
C LEU A 228 26.14 14.60 -7.42
N LYS A 229 25.55 14.47 -6.23
CA LYS A 229 26.25 14.76 -4.98
C LYS A 229 25.70 13.83 -3.92
N THR A 230 26.57 13.45 -2.97
CA THR A 230 26.17 12.68 -1.81
C THR A 230 26.70 13.38 -0.57
N TYR A 231 25.87 13.49 0.46
CA TYR A 231 26.19 14.18 1.70
C TYR A 231 26.08 13.17 2.83
N THR A 232 27.13 13.08 3.64
CA THR A 232 27.21 12.07 4.68
C THR A 232 27.81 12.67 5.95
N GLY A 233 27.80 11.86 6.99
CA GLY A 233 28.38 12.20 8.26
C GLY A 233 27.39 12.32 9.38
N HIS A 234 26.11 12.41 9.07
CA HIS A 234 25.05 12.49 10.06
C HIS A 234 24.51 11.08 10.34
N LYS A 235 23.49 11.00 11.18
N LYS A 235 23.51 11.01 11.21
CA LYS A 235 22.89 9.74 11.59
CA LYS A 235 22.89 9.75 11.59
C LYS A 235 21.42 9.76 11.18
C LYS A 235 21.43 9.77 11.16
N ASN A 236 21.04 8.83 10.29
CA ASN A 236 19.65 8.73 9.88
C ASN A 236 19.38 7.32 9.40
N GLU A 237 18.90 6.48 10.31
CA GLU A 237 18.54 5.11 10.00
C GLU A 237 17.11 4.80 10.39
N LYS A 238 16.38 5.74 11.01
CA LYS A 238 15.04 5.40 11.49
C LYS A 238 13.94 6.36 11.06
N TYR A 239 14.16 7.67 11.21
CA TYR A 239 13.09 8.65 11.07
C TYR A 239 13.12 9.31 9.69
N CYS A 240 11.95 9.80 9.28
CA CYS A 240 11.82 10.59 8.05
C CYS A 240 12.16 12.06 8.34
N ILE A 241 13.45 12.33 8.36
CA ILE A 241 13.98 13.63 8.70
C ILE A 241 14.00 14.50 7.43
N PHE A 242 13.42 15.68 7.54
CA PHE A 242 13.42 16.64 6.44
C PHE A 242 14.85 17.07 6.08
N ALA A 243 15.02 17.51 4.84
CA ALA A 243 16.23 18.20 4.44
C ALA A 243 15.85 19.43 3.64
N ASN A 244 16.75 20.40 3.63
CA ASN A 244 16.47 21.70 3.02
C ASN A 244 17.62 22.16 2.14
N PHE A 245 17.25 22.98 1.14
CA PHE A 245 18.19 23.84 0.43
C PHE A 245 18.19 25.21 1.11
N SER A 246 19.33 25.63 1.64
CA SER A 246 19.45 26.99 2.19
C SER A 246 20.02 27.87 1.08
N VAL A 247 19.30 28.96 0.75
CA VAL A 247 19.63 29.75 -0.43
C VAL A 247 19.77 31.23 -0.15
N THR A 248 19.54 31.68 1.09
CA THR A 248 19.55 33.12 1.37
C THR A 248 20.96 33.68 1.46
N GLY A 249 21.92 32.85 1.85
CA GLY A 249 23.32 33.22 1.91
C GLY A 249 24.13 32.17 1.20
N GLY A 250 25.05 31.52 1.89
CA GLY A 250 25.77 30.41 1.29
C GLY A 250 24.84 29.29 0.88
N LYS A 251 25.21 28.58 -0.19
CA LYS A 251 24.32 27.53 -0.71
C LYS A 251 24.61 26.23 0.02
N TRP A 252 23.76 25.92 0.99
CA TRP A 252 23.93 24.76 1.86
C TRP A 252 22.82 23.74 1.65
N ILE A 253 23.10 22.54 2.13
CA ILE A 253 22.09 21.53 2.43
C ILE A 253 22.01 21.47 3.95
N VAL A 254 20.79 21.39 4.49
CA VAL A 254 20.55 21.36 5.93
C VAL A 254 19.73 20.12 6.27
N SER A 255 20.06 19.45 7.37
CA SER A 255 19.23 18.35 7.83
C SER A 255 19.38 18.15 9.33
N GLY A 256 18.33 17.65 9.95
CA GLY A 256 18.45 17.09 11.28
C GLY A 256 19.14 15.73 11.25
N SER A 257 19.28 15.14 12.43
CA SER A 257 20.06 13.94 12.61
C SER A 257 19.64 13.27 13.91
N GLU A 258 19.84 11.96 13.95
CA GLU A 258 19.51 11.13 15.10
C GLU A 258 20.54 11.20 16.22
N ASP A 259 21.60 11.99 16.03
CA ASP A 259 22.53 12.30 17.11
C ASP A 259 22.23 13.68 17.72
N ASN A 260 21.05 14.22 17.47
CA ASN A 260 20.52 15.40 18.12
C ASN A 260 21.12 16.70 17.58
N LEU A 261 21.80 16.65 16.45
CA LEU A 261 22.46 17.81 15.85
C LEU A 261 21.75 18.21 14.56
N VAL A 262 21.87 19.50 14.22
CA VAL A 262 21.57 19.96 12.87
C VAL A 262 22.88 19.94 12.08
N TYR A 263 22.87 19.31 10.91
CA TYR A 263 24.02 19.30 10.02
C TYR A 263 23.81 20.27 8.88
N ILE A 264 24.89 20.96 8.50
CA ILE A 264 24.90 21.87 7.36
C ILE A 264 26.09 21.50 6.48
N TRP A 265 25.84 21.26 5.20
CA TRP A 265 26.87 20.91 4.25
C TRP A 265 26.94 21.98 3.16
N ASN A 266 28.13 22.16 2.59
CA ASN A 266 28.28 22.89 1.35
C ASN A 266 27.69 22.07 0.21
N LEU A 267 26.71 22.63 -0.51
CA LEU A 267 26.01 21.88 -1.54
C LEU A 267 26.97 21.39 -2.63
N GLN A 268 27.90 22.24 -3.04
CA GLN A 268 28.79 21.87 -4.13
C GLN A 268 29.91 20.94 -3.69
N THR A 269 30.57 21.26 -2.56
CA THR A 269 31.76 20.51 -2.19
C THR A 269 31.44 19.28 -1.34
N LYS A 270 30.24 19.23 -0.77
CA LYS A 270 29.73 18.13 0.07
C LYS A 270 30.35 18.08 1.45
N GLU A 271 31.20 19.04 1.80
N GLU A 271 31.18 19.05 1.81
CA GLU A 271 31.80 19.04 3.13
CA GLU A 271 31.79 19.06 3.13
C GLU A 271 30.80 19.55 4.16
C GLU A 271 30.81 19.58 4.18
N ILE A 272 30.85 18.97 5.37
CA ILE A 272 30.14 19.52 6.52
C ILE A 272 30.78 20.85 6.88
N VAL A 273 29.95 21.89 7.00
CA VAL A 273 30.44 23.22 7.34
C VAL A 273 30.01 23.67 8.74
N GLN A 274 28.96 23.10 9.31
CA GLN A 274 28.58 23.42 10.68
C GLN A 274 27.69 22.33 11.21
N LYS A 275 27.76 22.12 12.52
N LYS A 275 27.77 22.11 12.52
CA LYS A 275 26.85 21.24 13.24
CA LYS A 275 26.86 21.24 13.25
C LYS A 275 26.30 22.05 14.41
C LYS A 275 26.30 22.05 14.41
N LEU A 276 24.97 22.12 14.52
CA LEU A 276 24.33 22.94 15.54
C LEU A 276 23.93 22.07 16.72
N GLN A 277 24.47 22.39 17.89
CA GLN A 277 24.27 21.59 19.10
C GLN A 277 23.35 22.32 20.09
N GLY A 278 22.45 21.56 20.70
CA GLY A 278 21.57 22.12 21.71
C GLY A 278 20.35 21.27 21.99
N HIS A 279 19.78 20.64 20.96
CA HIS A 279 18.65 19.76 21.19
C HIS A 279 19.08 18.53 22.00
N THR A 280 18.10 17.96 22.70
CA THR A 280 18.31 16.78 23.55
C THR A 280 17.51 15.58 23.06
N ASP A 281 17.10 15.59 21.81
CA ASP A 281 16.52 14.43 21.17
C ASP A 281 16.74 14.59 19.67
N VAL A 282 16.32 13.57 18.93
CA VAL A 282 16.48 13.55 17.48
C VAL A 282 15.91 14.84 16.90
N VAL A 283 16.66 15.46 15.99
CA VAL A 283 16.18 16.62 15.25
C VAL A 283 15.45 16.08 14.03
N ILE A 284 14.11 16.12 14.08
CA ILE A 284 13.24 15.51 13.08
C ILE A 284 12.96 16.44 11.93
N SER A 285 13.08 17.75 12.14
CA SER A 285 12.67 18.72 11.13
C SER A 285 13.49 19.97 11.28
N THR A 286 13.87 20.52 10.13
CA THR A 286 14.51 21.81 10.00
C THR A 286 13.82 22.55 8.88
N ALA A 287 13.91 23.88 8.93
CA ALA A 287 13.38 24.75 7.88
C ALA A 287 14.30 25.96 7.76
N CYS A 288 14.38 26.50 6.56
CA CYS A 288 15.21 27.65 6.22
C CYS A 288 14.32 28.83 5.88
N HIS A 289 14.57 29.97 6.51
CA HIS A 289 13.74 31.15 6.30
C HIS A 289 13.88 31.63 4.86
N PRO A 290 12.81 32.17 4.27
CA PRO A 290 12.86 32.49 2.83
C PRO A 290 13.71 33.68 2.47
N THR A 291 14.02 34.58 3.40
CA THR A 291 14.82 35.75 3.04
C THR A 291 16.00 36.00 3.96
N GLU A 292 15.94 35.57 5.22
CA GLU A 292 17.01 35.76 6.19
C GLU A 292 17.74 34.44 6.42
N ASN A 293 18.99 34.54 6.90
CA ASN A 293 19.81 33.37 7.19
C ASN A 293 19.42 32.86 8.57
N ILE A 294 18.25 32.20 8.63
CA ILE A 294 17.66 31.72 9.86
C ILE A 294 17.21 30.29 9.63
N ILE A 295 17.55 29.41 10.55
CA ILE A 295 17.12 28.01 10.53
C ILE A 295 16.23 27.79 11.75
N ALA A 296 15.14 27.05 11.56
CA ALA A 296 14.35 26.50 12.64
C ALA A 296 14.62 25.00 12.72
N SER A 297 14.72 24.47 13.92
CA SER A 297 14.92 23.04 14.13
C SER A 297 13.95 22.56 15.20
N ALA A 298 13.56 21.30 15.14
CA ALA A 298 12.62 20.78 16.11
C ALA A 298 12.96 19.34 16.44
N ALA A 299 12.60 18.94 17.65
CA ALA A 299 13.06 17.66 18.17
C ALA A 299 11.94 16.82 18.78
N LEU A 300 12.29 15.55 18.96
CA LEU A 300 11.37 14.54 19.47
C LEU A 300 11.14 14.69 20.97
N GLU A 301 10.48 13.70 21.57
CA GLU A 301 9.72 13.96 22.79
C GLU A 301 10.55 14.10 24.07
N ASN A 302 11.84 13.77 24.08
CA ASN A 302 12.64 14.12 25.25
C ASN A 302 12.91 15.63 25.31
N ASP A 303 12.69 16.32 24.20
CA ASP A 303 13.04 17.74 24.04
C ASP A 303 11.78 18.56 23.80
N LYS A 304 11.07 18.34 22.71
CA LYS A 304 9.76 18.95 22.43
C LYS A 304 9.85 20.44 22.14
N THR A 305 11.05 20.97 21.92
CA THR A 305 11.22 22.39 21.64
C THR A 305 11.62 22.60 20.18
N ILE A 306 11.45 23.84 19.78
CA ILE A 306 11.89 24.35 18.49
C ILE A 306 12.96 25.39 18.77
N LYS A 307 14.03 25.38 17.99
CA LYS A 307 15.09 26.35 18.17
C LYS A 307 15.22 27.15 16.89
N LEU A 308 15.45 28.45 17.06
CA LEU A 308 15.72 29.37 15.97
C LEU A 308 17.17 29.82 16.05
N TRP A 309 17.86 29.71 14.92
CA TRP A 309 19.29 29.96 14.82
C TRP A 309 19.52 31.00 13.72
N LYS A 310 20.49 31.89 13.91
CA LYS A 310 20.77 32.94 12.95
C LYS A 310 22.25 32.97 12.60
N SER A 311 22.54 33.15 11.32
CA SER A 311 23.89 33.28 10.80
C SER A 311 24.06 34.64 10.14
N ASP A 312 25.30 35.12 10.12
CA ASP A 312 25.65 36.34 9.41
C ASP A 312 25.82 36.11 7.91
N CYS A 313 25.83 34.87 7.44
CA CYS A 313 26.12 34.60 6.04
C CYS A 313 25.54 33.25 5.65
N PRO B 9 -29.47 -29.90 4.93
CA PRO B 9 -30.50 -29.33 5.82
C PRO B 9 -30.97 -27.95 5.37
N VAL B 10 -31.86 -27.36 6.16
CA VAL B 10 -32.40 -26.00 5.91
C VAL B 10 -31.26 -24.99 6.01
N LYS B 11 -30.37 -25.13 6.99
CA LYS B 11 -29.27 -24.18 7.16
C LYS B 11 -28.10 -24.74 7.96
N PRO B 12 -26.89 -24.28 7.69
CA PRO B 12 -25.75 -24.64 8.54
C PRO B 12 -25.77 -23.75 9.78
N ASN B 13 -24.84 -24.02 10.70
CA ASN B 13 -24.74 -23.24 11.94
C ASN B 13 -23.27 -22.94 12.25
N TYR B 14 -22.57 -22.42 11.25
CA TYR B 14 -21.17 -22.07 11.44
C TYR B 14 -21.02 -21.10 12.59
N ALA B 15 -20.07 -21.38 13.48
CA ALA B 15 -19.76 -20.54 14.63
C ALA B 15 -18.25 -20.39 14.72
N LEU B 16 -17.82 -19.22 15.19
CA LEU B 16 -16.40 -18.91 15.24
C LEU B 16 -15.68 -19.80 16.26
N LYS B 17 -14.61 -20.43 15.83
CA LYS B 17 -13.81 -21.29 16.70
C LYS B 17 -12.43 -20.75 17.00
N PHE B 18 -11.76 -20.12 16.02
CA PHE B 18 -10.43 -19.58 16.23
C PHE B 18 -10.23 -18.34 15.38
N THR B 19 -9.36 -17.43 15.86
CA THR B 19 -8.89 -16.28 15.11
C THR B 19 -7.38 -16.32 15.01
N LEU B 20 -6.86 -16.25 13.79
CA LEU B 20 -5.45 -16.46 13.50
C LEU B 20 -4.83 -15.12 13.14
N ALA B 21 -3.99 -14.61 14.04
CA ALA B 21 -3.30 -13.34 13.84
C ALA B 21 -1.82 -13.57 13.52
N GLY B 22 -1.26 -12.67 12.73
CA GLY B 22 0.16 -12.72 12.45
C GLY B 22 0.56 -11.96 11.21
N HIS B 23 -0.29 -11.92 10.19
CA HIS B 23 0.02 -11.11 9.02
C HIS B 23 -0.01 -9.63 9.42
N THR B 24 0.81 -8.83 8.76
CA THR B 24 0.95 -7.44 9.11
C THR B 24 0.38 -6.49 8.06
N LYS B 25 -0.13 -7.03 6.96
CA LYS B 25 -0.88 -6.28 5.97
C LYS B 25 -2.09 -7.13 5.57
N ALA B 26 -2.89 -6.62 4.66
CA ALA B 26 -4.08 -7.34 4.23
C ALA B 26 -3.74 -8.79 3.87
N VAL B 27 -4.60 -9.71 4.28
CA VAL B 27 -4.56 -11.06 3.76
C VAL B 27 -5.14 -11.03 2.36
N SER B 28 -4.61 -11.89 1.48
CA SER B 28 -5.10 -11.97 0.11
C SER B 28 -5.79 -13.28 -0.23
N SER B 29 -5.42 -14.39 0.41
N SER B 29 -5.38 -14.39 0.38
CA SER B 29 -5.96 -15.70 0.06
CA SER B 29 -6.00 -15.68 0.08
C SER B 29 -5.73 -16.67 1.19
C SER B 29 -5.78 -16.62 1.25
N VAL B 30 -6.70 -17.56 1.40
CA VAL B 30 -6.58 -18.68 2.33
C VAL B 30 -7.01 -19.94 1.58
N LYS B 31 -6.30 -21.04 1.84
CA LYS B 31 -6.58 -22.30 1.16
C LYS B 31 -6.30 -23.46 2.11
N PHE B 32 -7.22 -24.42 2.20
CA PHE B 32 -6.93 -25.64 2.95
C PHE B 32 -6.15 -26.65 2.09
N SER B 33 -5.22 -27.36 2.73
CA SER B 33 -4.54 -28.45 2.02
C SER B 33 -5.52 -29.58 1.72
N PRO B 34 -5.33 -30.28 0.59
CA PRO B 34 -6.24 -31.38 0.25
C PRO B 34 -6.31 -32.47 1.29
N ASN B 35 -5.23 -32.72 2.01
CA ASN B 35 -5.25 -33.73 3.04
C ASN B 35 -5.89 -33.25 4.33
N GLY B 36 -6.33 -31.98 4.38
CA GLY B 36 -7.10 -31.45 5.49
C GLY B 36 -6.31 -30.97 6.67
N GLU B 37 -5.01 -31.12 6.66
N GLU B 37 -4.99 -31.18 6.68
CA GLU B 37 -4.24 -30.88 7.87
CA GLU B 37 -4.21 -30.87 7.87
C GLU B 37 -3.78 -29.44 8.02
C GLU B 37 -3.99 -29.38 8.06
N TRP B 38 -3.84 -28.63 6.96
CA TRP B 38 -3.30 -27.30 7.02
C TRP B 38 -4.21 -26.27 6.37
N LEU B 39 -4.06 -25.03 6.82
CA LEU B 39 -4.50 -23.85 6.10
C LEU B 39 -3.27 -23.04 5.72
N ALA B 40 -3.18 -22.62 4.46
CA ALA B 40 -2.16 -21.67 4.02
C ALA B 40 -2.80 -20.31 3.79
N SER B 41 -2.09 -19.26 4.18
CA SER B 41 -2.54 -17.90 3.92
C SER B 41 -1.44 -17.12 3.22
N SER B 42 -1.83 -16.20 2.35
CA SER B 42 -0.92 -15.26 1.73
C SER B 42 -1.34 -13.84 2.04
N SER B 43 -0.41 -12.90 1.88
CA SER B 43 -0.67 -11.53 2.27
C SER B 43 0.17 -10.55 1.47
N ALA B 44 -0.33 -9.31 1.44
CA ALA B 44 0.45 -8.17 0.98
C ALA B 44 1.75 -7.97 1.76
N ASP B 45 1.90 -8.59 2.94
CA ASP B 45 3.14 -8.52 3.69
C ASP B 45 4.25 -9.40 3.12
N LYS B 46 4.06 -10.02 1.96
CA LYS B 46 5.09 -10.78 1.26
C LYS B 46 5.24 -12.18 1.82
N LEU B 47 4.40 -12.61 2.76
CA LEU B 47 4.59 -13.87 3.45
C LEU B 47 3.45 -14.85 3.19
N ILE B 48 3.82 -16.12 3.26
CA ILE B 48 2.89 -17.23 3.38
C ILE B 48 2.95 -17.72 4.81
N LYS B 49 1.81 -18.02 5.40
CA LYS B 49 1.78 -18.63 6.72
C LYS B 49 0.98 -19.93 6.66
N ILE B 50 1.43 -20.91 7.43
CA ILE B 50 0.81 -22.23 7.53
C ILE B 50 0.27 -22.39 8.93
N TRP B 51 -0.95 -22.91 9.03
CA TRP B 51 -1.67 -23.05 10.28
C TRP B 51 -2.35 -24.41 10.32
N GLY B 52 -2.49 -24.97 11.53
CA GLY B 52 -3.23 -26.23 11.66
C GLY B 52 -4.70 -26.02 11.35
N ALA B 53 -5.29 -26.88 10.53
CA ALA B 53 -6.64 -26.64 10.03
C ALA B 53 -7.69 -26.81 11.12
N TYR B 54 -7.43 -27.65 12.12
CA TYR B 54 -8.43 -28.02 13.09
C TYR B 54 -8.34 -27.21 14.37
N ASP B 55 -7.13 -26.75 14.73
CA ASP B 55 -6.93 -25.98 15.95
C ASP B 55 -6.34 -24.60 15.69
N GLY B 56 -6.12 -24.21 14.44
CA GLY B 56 -5.55 -22.92 14.15
C GLY B 56 -4.12 -22.74 14.55
N LYS B 57 -3.43 -23.81 14.95
CA LYS B 57 -2.10 -23.66 15.52
C LYS B 57 -1.14 -23.15 14.45
N PHE B 58 -0.46 -22.03 14.75
CA PHE B 58 0.54 -21.52 13.82
C PHE B 58 1.65 -22.55 13.64
N GLU B 59 2.00 -22.82 12.39
CA GLU B 59 3.03 -23.80 12.08
C GLU B 59 4.31 -23.12 11.61
N LYS B 60 4.24 -22.30 10.56
CA LYS B 60 5.45 -21.66 10.07
C LYS B 60 5.12 -20.51 9.13
N THR B 61 6.13 -19.67 8.89
CA THR B 61 6.12 -18.63 7.88
C THR B 61 7.07 -19.03 6.75
N ILE B 62 6.62 -18.84 5.52
CA ILE B 62 7.41 -19.11 4.31
C ILE B 62 7.67 -17.78 3.62
N SER B 63 8.95 -17.45 3.43
N SER B 63 8.95 -17.45 3.44
CA SER B 63 9.31 -16.14 2.93
CA SER B 63 9.38 -16.14 2.98
C SER B 63 10.25 -16.24 1.75
C SER B 63 10.24 -16.26 1.72
N GLY B 64 10.27 -15.19 0.94
CA GLY B 64 11.15 -15.10 -0.21
C GLY B 64 10.66 -14.15 -1.29
N HIS B 65 9.36 -13.99 -1.45
CA HIS B 65 8.88 -13.02 -2.41
C HIS B 65 9.32 -11.62 -2.01
N LYS B 66 9.52 -10.78 -3.03
CA LYS B 66 10.04 -9.43 -2.81
C LYS B 66 8.95 -8.37 -2.70
N LEU B 67 7.72 -8.69 -3.08
CA LEU B 67 6.57 -7.83 -2.95
C LEU B 67 5.39 -8.71 -2.54
N GLY B 68 4.24 -8.08 -2.35
CA GLY B 68 3.09 -8.78 -1.81
C GLY B 68 2.67 -9.97 -2.67
N ILE B 69 1.93 -10.85 -2.03
CA ILE B 69 1.44 -12.07 -2.64
C ILE B 69 -0.07 -11.96 -2.75
N SER B 70 -0.62 -12.25 -3.91
CA SER B 70 -2.06 -12.24 -4.12
C SER B 70 -2.73 -13.60 -3.95
N ASP B 71 -2.01 -14.70 -4.14
CA ASP B 71 -2.67 -16.00 -4.14
C ASP B 71 -1.65 -17.08 -3.84
N VAL B 72 -2.15 -18.19 -3.28
N VAL B 72 -2.14 -18.18 -3.29
CA VAL B 72 -1.36 -19.38 -2.97
CA VAL B 72 -1.36 -19.39 -3.06
C VAL B 72 -2.27 -20.57 -3.29
C VAL B 72 -2.27 -20.57 -3.30
N ALA B 73 -1.67 -21.69 -3.70
CA ALA B 73 -2.43 -22.88 -4.03
C ALA B 73 -1.61 -24.12 -3.72
N TRP B 74 -2.31 -25.18 -3.33
CA TRP B 74 -1.70 -26.45 -2.94
C TRP B 74 -1.65 -27.45 -4.08
N SER B 75 -0.60 -28.27 -4.08
CA SER B 75 -0.56 -29.46 -4.94
C SER B 75 -1.48 -30.55 -4.39
N SER B 76 -1.80 -31.51 -5.26
CA SER B 76 -2.79 -32.52 -4.92
C SER B 76 -2.37 -33.38 -3.74
N ASP B 77 -1.06 -33.61 -3.57
CA ASP B 77 -0.54 -34.44 -2.48
C ASP B 77 -0.25 -33.63 -1.21
N SER B 78 -0.59 -32.35 -1.20
CA SER B 78 -0.42 -31.45 -0.07
C SER B 78 1.04 -31.13 0.28
N ASN B 79 1.99 -31.48 -0.59
CA ASN B 79 3.39 -31.27 -0.25
C ASN B 79 3.98 -29.99 -0.80
N LEU B 80 3.38 -29.42 -1.84
CA LEU B 80 3.89 -28.20 -2.46
C LEU B 80 2.84 -27.10 -2.41
N LEU B 81 3.32 -25.87 -2.46
CA LEU B 81 2.52 -24.67 -2.65
C LEU B 81 3.09 -23.89 -3.82
N VAL B 82 2.23 -23.18 -4.53
CA VAL B 82 2.65 -22.17 -5.47
C VAL B 82 2.04 -20.85 -5.05
N SER B 83 2.79 -19.77 -5.20
CA SER B 83 2.32 -18.43 -4.86
C SER B 83 2.52 -17.49 -6.04
N ALA B 84 1.64 -16.49 -6.13
CA ALA B 84 1.64 -15.48 -7.18
C ALA B 84 1.88 -14.11 -6.55
N SER B 85 2.86 -13.36 -7.06
CA SER B 85 3.27 -12.13 -6.41
C SER B 85 3.34 -10.92 -7.34
N ASP B 86 3.24 -9.76 -6.69
CA ASP B 86 3.48 -8.49 -7.35
C ASP B 86 4.92 -8.34 -7.83
N ASP B 87 5.85 -9.18 -7.36
CA ASP B 87 7.22 -9.17 -7.85
C ASP B 87 7.35 -9.77 -9.24
N LYS B 88 6.22 -10.13 -9.87
CA LYS B 88 6.11 -10.59 -11.25
C LYS B 88 6.45 -12.06 -11.39
N THR B 89 6.68 -12.76 -10.29
CA THR B 89 7.01 -14.17 -10.31
C THR B 89 5.95 -15.00 -9.59
N LEU B 90 5.99 -16.29 -9.87
CA LEU B 90 5.44 -17.30 -8.97
C LEU B 90 6.61 -18.05 -8.34
N LYS B 91 6.36 -18.60 -7.17
CA LYS B 91 7.33 -19.48 -6.53
C LYS B 91 6.65 -20.79 -6.15
N ILE B 92 7.38 -21.89 -6.36
CA ILE B 92 6.97 -23.23 -5.93
C ILE B 92 7.75 -23.52 -4.66
N TRP B 93 7.03 -23.93 -3.61
CA TRP B 93 7.60 -24.14 -2.31
C TRP B 93 7.42 -25.58 -1.86
N ASP B 94 8.45 -26.13 -1.23
CA ASP B 94 8.29 -27.36 -0.45
C ASP B 94 7.79 -26.97 0.94
N VAL B 95 6.57 -27.42 1.28
CA VAL B 95 5.95 -26.94 2.51
C VAL B 95 6.74 -27.44 3.72
N SER B 96 7.26 -28.67 3.66
N SER B 96 7.25 -28.67 3.66
CA SER B 96 7.94 -29.24 4.82
CA SER B 96 7.95 -29.24 4.81
C SER B 96 9.22 -28.49 5.14
C SER B 96 9.20 -28.44 5.14
N SER B 97 10.01 -28.14 4.13
CA SER B 97 11.27 -27.45 4.38
C SER B 97 11.13 -25.93 4.35
N GLY B 98 10.03 -25.42 3.80
CA GLY B 98 9.88 -24.00 3.57
C GLY B 98 10.71 -23.45 2.44
N LYS B 99 11.41 -24.28 1.69
CA LYS B 99 12.34 -23.77 0.69
C LYS B 99 11.64 -23.53 -0.63
N CYS B 100 12.11 -22.50 -1.32
CA CYS B 100 11.67 -22.22 -2.68
C CYS B 100 12.38 -23.18 -3.64
N LEU B 101 11.60 -24.02 -4.31
CA LEU B 101 12.16 -24.97 -5.25
C LEU B 101 12.41 -24.34 -6.61
N LYS B 102 11.49 -23.52 -7.07
CA LYS B 102 11.63 -22.85 -8.36
C LYS B 102 11.00 -21.47 -8.28
N THR B 103 11.55 -20.54 -9.07
CA THR B 103 10.93 -19.23 -9.29
C THR B 103 10.54 -19.18 -10.77
N LEU B 104 9.26 -18.93 -11.01
CA LEU B 104 8.67 -18.94 -12.36
C LEU B 104 8.67 -17.51 -12.88
N LYS B 105 9.53 -17.24 -13.85
CA LYS B 105 9.75 -15.91 -14.38
C LYS B 105 9.23 -15.83 -15.81
N GLY B 106 8.54 -14.74 -16.12
CA GLY B 106 8.04 -14.58 -17.48
C GLY B 106 6.99 -13.50 -17.57
N HIS B 107 6.11 -13.42 -16.59
CA HIS B 107 5.11 -12.37 -16.62
C HIS B 107 5.79 -11.01 -16.53
N SER B 108 5.14 -10.00 -17.11
CA SER B 108 5.71 -8.65 -17.16
C SER B 108 5.01 -7.67 -16.22
N ASN B 109 4.15 -8.16 -15.36
CA ASN B 109 3.48 -7.35 -14.36
C ASN B 109 3.03 -8.30 -13.26
N TYR B 110 2.29 -7.76 -12.30
CA TYR B 110 1.90 -8.53 -11.13
C TYR B 110 1.27 -9.85 -11.53
N VAL B 111 1.61 -10.92 -10.81
CA VAL B 111 0.92 -12.20 -10.96
C VAL B 111 -0.19 -12.24 -9.92
N PHE B 112 -1.41 -12.46 -10.35
CA PHE B 112 -2.56 -12.32 -9.47
C PHE B 112 -3.16 -13.63 -9.01
N CYS B 113 -3.05 -14.70 -9.80
CA CYS B 113 -3.78 -15.92 -9.51
C CYS B 113 -2.97 -17.11 -10.00
N CYS B 114 -3.20 -18.26 -9.35
CA CYS B 114 -2.45 -19.46 -9.67
C CYS B 114 -3.17 -20.71 -9.19
N ASN B 115 -2.83 -21.83 -9.81
CA ASN B 115 -3.38 -23.12 -9.41
C ASN B 115 -2.55 -24.22 -10.05
N PHE B 116 -2.50 -25.37 -9.36
CA PHE B 116 -1.96 -26.60 -9.93
C PHE B 116 -3.06 -27.35 -10.68
N ASN B 117 -2.67 -28.18 -11.65
CA ASN B 117 -3.61 -29.15 -12.20
C ASN B 117 -3.73 -30.35 -11.26
N PRO B 118 -4.73 -31.20 -11.46
CA PRO B 118 -4.88 -32.36 -10.55
C PRO B 118 -3.66 -33.25 -10.52
N GLN B 119 -2.99 -33.39 -11.67
CA GLN B 119 -1.80 -34.21 -11.77
C GLN B 119 -0.63 -33.57 -11.07
N SER B 120 -0.72 -32.25 -10.88
N SER B 120 -0.76 -32.28 -10.76
CA SER B 120 0.26 -31.42 -10.19
CA SER B 120 0.27 -31.40 -10.16
C SER B 120 1.60 -31.37 -10.90
C SER B 120 1.60 -31.43 -10.90
N ASN B 121 1.53 -31.55 -12.23
CA ASN B 121 2.68 -31.39 -13.10
C ASN B 121 2.68 -30.03 -13.79
N LEU B 122 1.56 -29.29 -13.72
CA LEU B 122 1.45 -27.98 -14.34
C LEU B 122 0.93 -26.98 -13.33
N ILE B 123 1.40 -25.75 -13.48
CA ILE B 123 0.83 -24.59 -12.81
C ILE B 123 0.23 -23.69 -13.89
N VAL B 124 -0.94 -23.13 -13.62
CA VAL B 124 -1.51 -22.07 -14.44
C VAL B 124 -1.48 -20.78 -13.63
N SER B 125 -1.17 -19.67 -14.32
CA SER B 125 -1.10 -18.35 -13.70
C SER B 125 -1.83 -17.33 -14.55
N GLY B 126 -2.35 -16.30 -13.90
CA GLY B 126 -2.88 -15.13 -14.58
C GLY B 126 -2.28 -13.88 -14.00
N SER B 127 -2.15 -12.85 -14.84
CA SER B 127 -1.40 -11.65 -14.49
C SER B 127 -2.10 -10.37 -14.93
N PHE B 128 -1.71 -9.28 -14.26
N PHE B 128 -1.70 -9.28 -14.28
CA PHE B 128 -2.00 -7.92 -14.71
CA PHE B 128 -2.05 -7.95 -14.76
C PHE B 128 -1.57 -7.72 -16.15
C PHE B 128 -1.54 -7.69 -16.15
N ASP B 129 -0.55 -8.46 -16.62
CA ASP B 129 -0.10 -8.33 -18.00
C ASP B 129 -1.07 -8.90 -19.03
N GLU B 130 -2.23 -9.42 -18.60
CA GLU B 130 -3.36 -9.79 -19.47
C GLU B 130 -3.18 -11.17 -20.08
N SER B 131 -2.14 -11.89 -19.67
CA SER B 131 -1.87 -13.23 -20.16
C SER B 131 -2.14 -14.28 -19.10
N VAL B 132 -2.34 -15.49 -19.60
CA VAL B 132 -2.34 -16.72 -18.82
C VAL B 132 -1.09 -17.50 -19.22
N ARG B 133 -0.34 -17.99 -18.25
CA ARG B 133 0.80 -18.84 -18.54
C ARG B 133 0.61 -20.22 -17.93
N ILE B 134 1.18 -21.22 -18.60
CA ILE B 134 1.15 -22.60 -18.16
C ILE B 134 2.60 -23.02 -17.99
N TRP B 135 2.94 -23.57 -16.81
CA TRP B 135 4.31 -23.81 -16.41
C TRP B 135 4.50 -25.27 -16.04
N ASP B 136 5.71 -25.79 -16.33
CA ASP B 136 6.09 -27.13 -15.91
C ASP B 136 6.60 -27.06 -14.47
N VAL B 137 6.02 -27.87 -13.58
CA VAL B 137 6.37 -27.82 -12.17
C VAL B 137 7.81 -28.24 -11.96
N LYS B 138 8.23 -29.33 -12.60
CA LYS B 138 9.53 -29.93 -12.37
C LYS B 138 10.66 -29.00 -12.81
N THR B 139 10.53 -28.42 -14.00
CA THR B 139 11.57 -27.56 -14.52
C THR B 139 11.39 -26.09 -14.14
N GLY B 140 10.18 -25.69 -13.77
CA GLY B 140 9.92 -24.29 -13.50
C GLY B 140 9.88 -23.43 -14.73
N LYS B 141 9.80 -24.04 -15.92
CA LYS B 141 9.85 -23.31 -17.17
C LYS B 141 8.45 -23.08 -17.71
N CYS B 142 8.26 -21.97 -18.40
CA CYS B 142 6.98 -21.65 -19.01
C CYS B 142 6.82 -22.50 -20.27
N LEU B 143 5.71 -23.25 -20.35
CA LEU B 143 5.38 -24.06 -21.51
C LEU B 143 4.56 -23.29 -22.54
N LYS B 144 3.63 -22.46 -22.09
CA LYS B 144 2.74 -21.74 -22.99
C LYS B 144 2.39 -20.38 -22.39
N THR B 145 2.28 -19.39 -23.27
CA THR B 145 1.76 -18.07 -22.92
C THR B 145 0.53 -17.84 -23.77
N LEU B 146 -0.61 -17.65 -23.13
CA LEU B 146 -1.86 -17.43 -23.83
C LEU B 146 -2.23 -15.97 -23.78
N PRO B 147 -2.54 -15.34 -24.92
CA PRO B 147 -2.97 -13.92 -24.94
C PRO B 147 -4.45 -13.86 -24.60
N ALA B 148 -4.75 -14.12 -23.34
CA ALA B 148 -6.08 -14.60 -22.97
C ALA B 148 -7.10 -13.47 -22.89
N HIS B 149 -6.68 -12.27 -22.48
CA HIS B 149 -7.60 -11.22 -22.09
C HIS B 149 -7.04 -9.86 -22.49
N SER B 150 -7.89 -8.84 -22.38
CA SER B 150 -7.49 -7.47 -22.71
C SER B 150 -7.50 -6.56 -21.49
N ASP B 151 -7.46 -7.16 -20.31
CA ASP B 151 -7.31 -6.48 -19.03
C ASP B 151 -6.78 -7.51 -18.05
N PRO B 152 -6.47 -7.11 -16.83
CA PRO B 152 -5.89 -8.08 -15.89
C PRO B 152 -6.72 -9.35 -15.73
N VAL B 153 -6.02 -10.46 -15.55
CA VAL B 153 -6.62 -11.77 -15.36
C VAL B 153 -6.86 -11.99 -13.87
N SER B 154 -8.11 -12.19 -13.51
CA SER B 154 -8.51 -12.24 -12.11
C SER B 154 -8.51 -13.65 -11.52
N ALA B 155 -8.67 -14.71 -12.33
CA ALA B 155 -8.69 -16.07 -11.81
C ALA B 155 -8.32 -17.05 -12.92
N VAL B 156 -7.73 -18.17 -12.52
CA VAL B 156 -7.42 -19.29 -13.40
C VAL B 156 -7.62 -20.58 -12.60
N HIS B 157 -8.20 -21.61 -13.22
CA HIS B 157 -8.52 -22.84 -12.52
C HIS B 157 -8.58 -23.99 -13.51
N PHE B 158 -8.04 -25.15 -13.13
CA PHE B 158 -8.18 -26.37 -13.93
C PHE B 158 -9.43 -27.13 -13.54
N ASN B 159 -9.99 -27.86 -14.50
CA ASN B 159 -11.09 -28.77 -14.20
C ASN B 159 -10.57 -30.09 -13.62
N ARG B 160 -11.51 -31.00 -13.32
CA ARG B 160 -11.19 -32.19 -12.53
C ARG B 160 -10.27 -33.15 -13.27
N ASP B 161 -10.31 -33.21 -14.60
CA ASP B 161 -9.38 -34.08 -15.30
C ASP B 161 -8.15 -33.35 -15.82
N GLY B 162 -8.04 -32.04 -15.58
CA GLY B 162 -6.90 -31.25 -15.99
C GLY B 162 -6.89 -30.84 -17.44
N SER B 163 -7.90 -31.23 -18.21
CA SER B 163 -7.87 -30.99 -19.64
C SER B 163 -8.31 -29.58 -20.01
N LEU B 164 -8.96 -28.87 -19.10
CA LEU B 164 -9.45 -27.53 -19.34
C LEU B 164 -8.96 -26.57 -18.28
N ILE B 165 -8.82 -25.31 -18.69
CA ILE B 165 -8.55 -24.18 -17.81
C ILE B 165 -9.65 -23.17 -18.04
N VAL B 166 -10.19 -22.61 -16.97
CA VAL B 166 -11.08 -21.45 -17.06
C VAL B 166 -10.32 -20.24 -16.55
N SER B 167 -10.47 -19.12 -17.25
CA SER B 167 -9.90 -17.84 -16.85
C SER B 167 -10.99 -16.78 -16.86
N SER B 168 -10.76 -15.74 -16.07
CA SER B 168 -11.64 -14.59 -16.03
C SER B 168 -10.80 -13.32 -16.01
N SER B 169 -11.46 -12.22 -16.35
CA SER B 169 -10.77 -10.95 -16.40
C SER B 169 -11.71 -9.77 -16.21
N TYR B 170 -11.10 -8.66 -15.79
N TYR B 170 -11.09 -8.66 -15.80
CA TYR B 170 -11.79 -7.38 -15.75
CA TYR B 170 -11.77 -7.37 -15.76
C TYR B 170 -12.29 -6.95 -17.12
C TYR B 170 -12.28 -6.95 -17.13
N ASP B 171 -11.82 -7.58 -18.21
CA ASP B 171 -12.35 -7.29 -19.54
C ASP B 171 -13.80 -7.73 -19.70
N GLY B 172 -14.37 -8.43 -18.72
CA GLY B 172 -15.73 -8.87 -18.76
C GLY B 172 -15.92 -10.28 -19.26
N LEU B 173 -14.84 -10.97 -19.63
CA LEU B 173 -14.96 -12.28 -20.22
C LEU B 173 -14.53 -13.40 -19.28
N CYS B 174 -15.17 -14.56 -19.48
N CYS B 174 -15.21 -14.54 -19.43
CA CYS B 174 -14.73 -15.83 -18.93
CA CYS B 174 -14.73 -15.84 -18.99
C CYS B 174 -14.50 -16.77 -20.11
C CYS B 174 -14.42 -16.66 -20.23
N ARG B 175 -13.29 -17.30 -20.21
N ARG B 175 -13.26 -17.33 -20.23
CA ARG B 175 -12.89 -18.15 -21.33
CA ARG B 175 -12.86 -18.16 -21.34
C ARG B 175 -12.41 -19.51 -20.82
C ARG B 175 -12.38 -19.50 -20.85
N ILE B 176 -12.66 -20.53 -21.64
CA ILE B 176 -12.26 -21.89 -21.33
C ILE B 176 -11.23 -22.31 -22.37
N TRP B 177 -10.11 -22.83 -21.90
CA TRP B 177 -8.95 -23.15 -22.72
C TRP B 177 -8.65 -24.64 -22.67
N ASP B 178 -8.22 -25.17 -23.81
CA ASP B 178 -7.71 -26.54 -23.87
C ASP B 178 -6.28 -26.54 -23.33
N THR B 179 -6.04 -27.24 -22.22
CA THR B 179 -4.71 -27.25 -21.61
C THR B 179 -3.64 -27.68 -22.60
N ALA B 180 -3.88 -28.76 -23.35
CA ALA B 180 -2.81 -29.38 -24.12
C ALA B 180 -2.33 -28.46 -25.24
N SER B 181 -3.26 -27.74 -25.88
CA SER B 181 -2.92 -26.92 -27.03
C SER B 181 -2.90 -25.44 -26.70
N GLY B 182 -3.48 -25.02 -25.58
CA GLY B 182 -3.59 -23.62 -25.27
C GLY B 182 -4.62 -22.86 -26.05
N GLN B 183 -5.42 -23.53 -26.88
CA GLN B 183 -6.40 -22.83 -27.70
C GLN B 183 -7.73 -22.68 -26.98
N CYS B 184 -8.47 -21.62 -27.33
CA CYS B 184 -9.72 -21.34 -26.66
C CYS B 184 -10.83 -22.24 -27.18
N LEU B 185 -11.54 -22.88 -26.25
CA LEU B 185 -12.70 -23.71 -26.56
C LEU B 185 -14.00 -22.92 -26.59
N LYS B 186 -14.15 -21.94 -25.71
CA LYS B 186 -15.41 -21.25 -25.51
C LYS B 186 -15.14 -19.94 -24.79
N THR B 187 -15.86 -18.89 -25.18
CA THR B 187 -16.00 -17.67 -24.39
C THR B 187 -17.40 -17.76 -23.81
N LEU B 188 -17.45 -17.97 -22.49
CA LEU B 188 -18.67 -18.34 -21.78
C LEU B 188 -19.47 -17.10 -21.45
N ILE B 189 -18.79 -16.07 -20.97
CA ILE B 189 -19.37 -14.77 -20.68
C ILE B 189 -18.71 -13.79 -21.63
N ASP B 190 -19.52 -12.95 -22.33
CA ASP B 190 -18.99 -12.10 -23.41
C ASP B 190 -19.65 -10.72 -23.41
N ASP B 191 -19.24 -9.87 -22.45
CA ASP B 191 -19.76 -8.53 -22.32
C ASP B 191 -18.64 -7.63 -21.81
N ASP B 192 -18.58 -6.40 -22.35
CA ASP B 192 -17.59 -5.44 -21.87
C ASP B 192 -17.66 -5.30 -20.36
N ASN B 193 -18.88 -5.15 -19.86
CA ASN B 193 -19.25 -5.04 -18.47
C ASN B 193 -20.11 -6.24 -18.10
N PRO B 194 -20.07 -6.69 -16.86
CA PRO B 194 -19.21 -6.21 -15.79
C PRO B 194 -17.88 -6.98 -15.69
N PRO B 195 -16.88 -6.39 -15.08
CA PRO B 195 -15.65 -7.13 -14.79
C PRO B 195 -15.99 -8.46 -14.12
N VAL B 196 -15.33 -9.53 -14.58
CA VAL B 196 -15.39 -10.83 -13.94
C VAL B 196 -14.20 -10.93 -13.00
N SER B 197 -14.48 -11.04 -11.72
CA SER B 197 -13.47 -10.96 -10.67
C SER B 197 -13.05 -12.31 -10.11
N PHE B 198 -13.77 -13.38 -10.42
CA PHE B 198 -13.40 -14.70 -9.95
C PHE B 198 -14.13 -15.73 -10.79
N VAL B 199 -13.46 -16.84 -11.11
N VAL B 199 -13.50 -16.89 -10.99
CA VAL B 199 -14.11 -18.01 -11.68
CA VAL B 199 -14.14 -18.00 -11.67
C VAL B 199 -13.47 -19.27 -11.11
C VAL B 199 -13.46 -19.28 -11.22
N LYS B 200 -14.25 -20.35 -11.12
CA LYS B 200 -13.69 -21.68 -10.92
C LYS B 200 -14.68 -22.72 -11.43
N PHE B 201 -14.17 -23.89 -11.76
CA PHE B 201 -15.04 -25.02 -12.07
C PHE B 201 -15.65 -25.61 -10.80
N SER B 202 -16.85 -26.17 -10.94
CA SER B 202 -17.46 -26.99 -9.90
C SER B 202 -16.67 -28.28 -9.71
N PRO B 203 -16.81 -28.95 -8.57
CA PRO B 203 -16.00 -30.15 -8.32
C PRO B 203 -16.12 -31.22 -9.39
N ASN B 204 -17.28 -31.35 -10.03
CA ASN B 204 -17.45 -32.34 -11.08
C ASN B 204 -17.10 -31.82 -12.47
N GLY B 205 -16.75 -30.54 -12.58
CA GLY B 205 -16.31 -29.99 -13.83
C GLY B 205 -17.40 -29.58 -14.80
N LYS B 206 -18.67 -29.75 -14.43
CA LYS B 206 -19.76 -29.44 -15.33
C LYS B 206 -20.17 -27.99 -15.28
N TYR B 207 -19.94 -27.31 -14.16
CA TYR B 207 -20.39 -25.94 -13.99
C TYR B 207 -19.19 -25.04 -13.74
N ILE B 208 -19.41 -23.73 -13.92
CA ILE B 208 -18.44 -22.70 -13.61
C ILE B 208 -19.13 -21.65 -12.74
N LEU B 209 -18.52 -21.36 -11.60
CA LEU B 209 -19.00 -20.34 -10.68
C LEU B 209 -18.20 -19.08 -10.95
N ALA B 210 -18.91 -17.97 -11.24
CA ALA B 210 -18.26 -16.73 -11.64
C ALA B 210 -18.81 -15.57 -10.81
N ALA B 211 -17.89 -14.73 -10.31
CA ALA B 211 -18.23 -13.48 -9.64
C ALA B 211 -18.01 -12.32 -10.60
N THR B 212 -18.94 -11.36 -10.58
CA THR B 212 -18.79 -10.13 -11.32
C THR B 212 -18.88 -8.96 -10.34
N LEU B 213 -18.23 -7.85 -10.70
CA LEU B 213 -18.14 -6.69 -9.82
C LEU B 213 -19.40 -5.84 -9.82
N ASP B 214 -20.54 -6.52 -9.81
CA ASP B 214 -21.86 -5.93 -9.66
C ASP B 214 -22.64 -6.71 -8.61
N ASN B 215 -21.94 -7.19 -7.59
CA ASN B 215 -22.58 -7.78 -6.42
C ASN B 215 -23.35 -9.03 -6.81
N THR B 216 -22.79 -9.85 -7.70
CA THR B 216 -23.48 -11.02 -8.21
C THR B 216 -22.53 -12.18 -8.42
N LEU B 217 -22.98 -13.37 -8.04
CA LEU B 217 -22.35 -14.63 -8.38
C LEU B 217 -23.29 -15.42 -9.28
N LYS B 218 -22.73 -16.15 -10.24
CA LYS B 218 -23.53 -16.93 -11.16
C LYS B 218 -22.90 -18.30 -11.35
N LEU B 219 -23.77 -19.30 -11.43
CA LEU B 219 -23.40 -20.66 -11.76
C LEU B 219 -23.79 -20.91 -13.20
N TRP B 220 -22.81 -21.26 -14.02
CA TRP B 220 -22.99 -21.48 -15.45
C TRP B 220 -22.85 -22.95 -15.77
N ASP B 221 -23.68 -23.44 -16.68
CA ASP B 221 -23.49 -24.76 -17.26
C ASP B 221 -22.43 -24.62 -18.36
N TYR B 222 -21.29 -25.29 -18.17
CA TYR B 222 -20.20 -25.14 -19.14
C TYR B 222 -20.63 -25.65 -20.52
N SER B 223 -21.16 -26.88 -20.57
CA SER B 223 -21.47 -27.50 -21.86
C SER B 223 -22.50 -26.68 -22.63
N LYS B 224 -23.53 -26.19 -21.95
CA LYS B 224 -24.59 -25.44 -22.60
C LYS B 224 -24.27 -23.96 -22.73
N GLY B 225 -23.33 -23.45 -21.94
CA GLY B 225 -23.01 -22.03 -21.98
C GLY B 225 -24.09 -21.11 -21.46
N LYS B 226 -24.91 -21.56 -20.51
CA LYS B 226 -26.02 -20.78 -20.00
C LYS B 226 -25.98 -20.68 -18.48
N CYS B 227 -26.54 -19.59 -17.96
CA CYS B 227 -26.56 -19.35 -16.53
C CYS B 227 -27.69 -20.15 -15.89
N LEU B 228 -27.35 -20.95 -14.89
CA LEU B 228 -28.32 -21.78 -14.19
C LEU B 228 -28.81 -21.16 -12.90
N LYS B 229 -27.95 -20.43 -12.19
CA LYS B 229 -28.29 -19.88 -10.89
C LYS B 229 -27.58 -18.55 -10.73
N THR B 230 -28.21 -17.62 -10.00
CA THR B 230 -27.60 -16.36 -9.62
C THR B 230 -27.78 -16.20 -8.12
N TYR B 231 -26.72 -15.72 -7.46
CA TYR B 231 -26.70 -15.54 -6.01
C TYR B 231 -26.41 -14.09 -5.73
N THR B 232 -27.25 -13.46 -4.91
CA THR B 232 -27.11 -12.07 -4.57
C THR B 232 -27.37 -11.88 -3.08
N GLY B 233 -27.09 -10.65 -2.64
CA GLY B 233 -27.34 -10.23 -1.28
C GLY B 233 -26.11 -9.68 -0.61
N HIS B 234 -24.93 -10.03 -1.11
CA HIS B 234 -23.65 -9.60 -0.59
C HIS B 234 -23.22 -8.33 -1.33
N LYS B 235 -22.00 -7.86 -1.07
CA LYS B 235 -21.44 -6.68 -1.72
C LYS B 235 -20.11 -7.02 -2.34
N ASN B 236 -19.97 -6.72 -3.62
CA ASN B 236 -18.71 -6.99 -4.32
C ASN B 236 -18.69 -6.13 -5.59
N GLU B 237 -18.10 -4.93 -5.46
CA GLU B 237 -17.89 -4.05 -6.59
C GLU B 237 -16.44 -3.68 -6.81
N LYS B 238 -15.51 -4.13 -5.97
CA LYS B 238 -14.13 -3.68 -6.09
C LYS B 238 -13.11 -4.81 -6.14
N TYR B 239 -13.21 -5.77 -5.23
CA TYR B 239 -12.15 -6.74 -5.01
C TYR B 239 -12.45 -8.08 -5.68
N CYS B 240 -11.38 -8.80 -5.99
CA CYS B 240 -11.51 -10.16 -6.52
C CYS B 240 -11.68 -11.13 -5.35
N ILE B 241 -12.92 -11.27 -4.89
CA ILE B 241 -13.29 -12.09 -3.74
C ILE B 241 -13.58 -13.51 -4.23
N PHE B 242 -12.90 -14.49 -3.63
CA PHE B 242 -13.10 -15.89 -4.00
C PHE B 242 -14.54 -16.33 -3.68
N ALA B 243 -14.97 -17.39 -4.35
CA ALA B 243 -16.20 -18.06 -3.95
C ALA B 243 -15.93 -19.55 -3.95
N ASN B 244 -16.70 -20.29 -3.16
CA ASN B 244 -16.43 -21.69 -2.95
C ASN B 244 -17.70 -22.51 -3.10
N PHE B 245 -17.50 -23.78 -3.46
CA PHE B 245 -18.53 -24.82 -3.34
C PHE B 245 -18.25 -25.55 -2.03
N SER B 246 -19.20 -25.50 -1.09
CA SER B 246 -19.08 -26.27 0.14
C SER B 246 -19.81 -27.60 -0.09
N VAL B 247 -19.10 -28.71 0.11
CA VAL B 247 -19.63 -30.02 -0.28
C VAL B 247 -19.60 -31.06 0.83
N THR B 248 -19.07 -30.73 2.01
CA THR B 248 -18.90 -31.71 3.07
C THR B 248 -20.20 -32.01 3.80
N GLY B 249 -21.10 -31.02 3.89
CA GLY B 249 -22.40 -31.20 4.47
C GLY B 249 -23.44 -30.76 3.46
N GLY B 250 -24.25 -29.77 3.81
CA GLY B 250 -25.17 -29.21 2.84
C GLY B 250 -24.42 -28.59 1.67
N LYS B 251 -25.07 -28.57 0.51
CA LYS B 251 -24.42 -28.09 -0.71
C LYS B 251 -24.63 -26.59 -0.80
N TRP B 252 -23.60 -25.84 -0.43
CA TRP B 252 -23.68 -24.40 -0.37
C TRP B 252 -22.74 -23.75 -1.36
N ILE B 253 -23.00 -22.47 -1.60
CA ILE B 253 -22.03 -21.52 -2.16
C ILE B 253 -21.59 -20.59 -1.04
N VAL B 254 -20.29 -20.33 -0.94
CA VAL B 254 -19.72 -19.49 0.11
C VAL B 254 -18.92 -18.36 -0.53
N SER B 255 -19.05 -17.14 0.02
CA SER B 255 -18.23 -16.03 -0.45
C SER B 255 -18.04 -15.00 0.65
N GLY B 256 -16.91 -14.32 0.59
CA GLY B 256 -16.77 -13.09 1.34
C GLY B 256 -17.57 -11.96 0.72
N SER B 257 -17.38 -10.77 1.27
CA SER B 257 -18.20 -9.62 0.93
C SER B 257 -17.55 -8.34 1.44
N GLU B 258 -17.84 -7.25 0.73
CA GLU B 258 -17.35 -5.92 1.06
C GLU B 258 -18.15 -5.26 2.17
N ASP B 259 -19.16 -5.94 2.72
CA ASP B 259 -19.83 -5.52 3.93
C ASP B 259 -19.31 -6.27 5.15
N ASN B 260 -18.17 -6.94 5.01
CA ASN B 260 -17.39 -7.54 6.09
C ASN B 260 -17.97 -8.86 6.59
N LEU B 261 -18.91 -9.45 5.87
CA LEU B 261 -19.56 -10.69 6.27
C LEU B 261 -19.17 -11.83 5.31
N VAL B 262 -19.28 -13.07 5.82
CA VAL B 262 -19.26 -14.25 4.95
C VAL B 262 -20.71 -14.61 4.64
N TYR B 263 -21.03 -14.79 3.37
CA TYR B 263 -22.35 -15.22 2.94
C TYR B 263 -22.31 -16.69 2.53
N ILE B 264 -23.38 -17.41 2.89
CA ILE B 264 -23.56 -18.81 2.55
C ILE B 264 -24.95 -18.93 1.94
N TRP B 265 -25.01 -19.46 0.74
CA TRP B 265 -26.27 -19.69 0.06
C TRP B 265 -26.51 -21.18 -0.19
N ASN B 266 -27.78 -21.55 -0.24
CA ASN B 266 -28.17 -22.86 -0.77
C ASN B 266 -27.93 -22.88 -2.28
N LEU B 267 -27.09 -23.79 -2.76
CA LEU B 267 -26.72 -23.79 -4.18
C LEU B 267 -27.96 -23.94 -5.06
N GLN B 268 -28.87 -24.83 -4.69
N GLN B 268 -28.87 -24.84 -4.70
CA GLN B 268 -30.02 -25.12 -5.54
CA GLN B 268 -30.02 -25.11 -5.54
C GLN B 268 -31.07 -24.01 -5.48
C GLN B 268 -31.06 -23.99 -5.48
N THR B 269 -31.41 -23.55 -4.28
CA THR B 269 -32.53 -22.62 -4.15
C THR B 269 -32.10 -21.17 -4.25
N LYS B 270 -30.81 -20.88 -4.09
CA LYS B 270 -30.23 -19.54 -4.16
C LYS B 270 -30.53 -18.70 -2.93
N GLU B 271 -31.20 -19.26 -1.93
CA GLU B 271 -31.49 -18.52 -0.71
C GLU B 271 -30.25 -18.40 0.16
N ILE B 272 -30.08 -17.23 0.77
CA ILE B 272 -29.06 -17.08 1.81
C ILE B 272 -29.46 -17.93 3.01
N VAL B 273 -28.54 -18.76 3.48
CA VAL B 273 -28.78 -19.61 4.64
C VAL B 273 -27.99 -19.17 5.87
N GLN B 274 -26.92 -18.40 5.72
CA GLN B 274 -26.21 -17.90 6.88
C GLN B 274 -25.33 -16.73 6.47
N LYS B 275 -25.15 -15.78 7.39
N LYS B 275 -25.14 -15.79 7.40
CA LYS B 275 -24.18 -14.70 7.26
CA LYS B 275 -24.17 -14.72 7.26
C LYS B 275 -23.30 -14.72 8.51
C LYS B 275 -23.30 -14.72 8.51
N LEU B 276 -21.99 -14.76 8.31
CA LEU B 276 -21.03 -14.89 9.42
C LEU B 276 -20.42 -13.52 9.71
N GLN B 277 -20.60 -13.06 10.94
CA GLN B 277 -20.18 -11.73 11.36
C GLN B 277 -18.99 -11.82 12.31
N GLY B 278 -18.03 -10.91 12.13
CA GLY B 278 -16.89 -10.83 13.04
C GLY B 278 -15.70 -10.06 12.50
N HIS B 279 -15.47 -10.13 11.20
CA HIS B 279 -14.37 -9.39 10.60
C HIS B 279 -14.68 -7.90 10.62
N THR B 280 -13.61 -7.09 10.60
CA THR B 280 -13.72 -5.64 10.64
C THR B 280 -13.20 -5.00 9.36
N ASP B 281 -13.08 -5.78 8.29
CA ASP B 281 -12.78 -5.23 6.98
C ASP B 281 -13.32 -6.22 5.96
N VAL B 282 -13.18 -5.85 4.68
CA VAL B 282 -13.66 -6.68 3.58
C VAL B 282 -13.17 -8.11 3.75
N VAL B 283 -14.07 -9.07 3.61
CA VAL B 283 -13.70 -10.48 3.64
C VAL B 283 -13.31 -10.82 2.20
N ILE B 284 -12.00 -10.89 1.95
CA ILE B 284 -11.45 -11.04 0.62
C ILE B 284 -11.37 -12.48 0.18
N SER B 285 -11.31 -13.43 1.10
CA SER B 285 -11.08 -14.83 0.76
C SER B 285 -11.76 -15.70 1.81
N THR B 286 -12.33 -16.79 1.31
CA THR B 286 -12.89 -17.85 2.11
C THR B 286 -12.42 -19.15 1.48
N ALA B 287 -12.40 -20.19 2.30
CA ALA B 287 -12.06 -21.54 1.86
C ALA B 287 -12.87 -22.52 2.68
N CYS B 288 -13.19 -23.65 2.07
CA CYS B 288 -13.98 -24.72 2.69
C CYS B 288 -13.10 -25.95 2.87
N HIS B 289 -13.10 -26.50 4.07
CA HIS B 289 -12.26 -27.65 4.37
C HIS B 289 -12.69 -28.86 3.55
N PRO B 290 -11.75 -29.70 3.12
CA PRO B 290 -12.12 -30.79 2.20
C PRO B 290 -12.94 -31.90 2.83
N THR B 291 -12.91 -32.08 4.16
CA THR B 291 -13.66 -33.19 4.75
C THR B 291 -14.56 -32.78 5.91
N GLU B 292 -14.22 -31.72 6.62
CA GLU B 292 -15.00 -31.22 7.74
C GLU B 292 -15.79 -29.98 7.33
N ASN B 293 -16.89 -29.74 8.04
CA ASN B 293 -17.70 -28.53 7.82
C ASN B 293 -17.01 -27.37 8.52
N ILE B 294 -15.93 -26.90 7.91
CA ILE B 294 -15.11 -25.82 8.43
C ILE B 294 -14.87 -24.81 7.31
N ILE B 295 -15.08 -23.53 7.62
CA ILE B 295 -14.77 -22.43 6.71
C ILE B 295 -13.66 -21.60 7.32
N ALA B 296 -12.69 -21.21 6.49
CA ALA B 296 -11.73 -20.17 6.83
C ALA B 296 -12.10 -18.89 6.09
N SER B 297 -11.97 -17.76 6.76
CA SER B 297 -12.20 -16.46 6.16
C SER B 297 -11.05 -15.53 6.51
N ALA B 298 -10.79 -14.57 5.62
CA ALA B 298 -9.68 -13.66 5.83
C ALA B 298 -10.05 -12.28 5.32
N ALA B 299 -9.40 -11.27 5.89
CA ALA B 299 -9.84 -9.90 5.67
C ALA B 299 -8.69 -8.94 5.38
N LEU B 300 -9.10 -7.77 4.88
CA LEU B 300 -8.18 -6.72 4.46
C LEU B 300 -7.59 -5.99 5.67
N GLU B 301 -6.85 -4.92 5.39
CA GLU B 301 -5.80 -4.47 6.30
C GLU B 301 -6.31 -3.78 7.58
N ASN B 302 -7.57 -3.42 7.70
CA ASN B 302 -8.05 -2.97 9.01
C ASN B 302 -8.22 -4.12 9.99
N ASP B 303 -8.18 -5.35 9.50
CA ASP B 303 -8.42 -6.56 10.28
C ASP B 303 -7.20 -7.45 10.26
N LYS B 304 -6.79 -7.95 9.09
CA LYS B 304 -5.57 -8.71 8.91
C LYS B 304 -5.60 -10.08 9.56
N THR B 305 -6.76 -10.52 10.05
CA THR B 305 -6.86 -11.83 10.67
C THR B 305 -7.56 -12.83 9.77
N ILE B 306 -7.37 -14.09 10.11
CA ILE B 306 -8.07 -15.23 9.53
C ILE B 306 -8.97 -15.82 10.63
N LYS B 307 -10.19 -16.19 10.27
CA LYS B 307 -11.09 -16.83 11.22
C LYS B 307 -11.48 -18.22 10.73
N LEU B 308 -11.53 -19.18 11.67
CA LEU B 308 -12.00 -20.53 11.41
C LEU B 308 -13.35 -20.71 12.07
N TRP B 309 -14.32 -21.19 11.29
CA TRP B 309 -15.71 -21.38 11.69
C TRP B 309 -16.07 -22.84 11.48
N LYS B 310 -16.84 -23.42 12.40
N LYS B 310 -16.88 -23.40 12.39
CA LYS B 310 -17.28 -24.81 12.28
CA LYS B 310 -17.28 -24.79 12.28
C LYS B 310 -18.79 -24.91 12.42
C LYS B 310 -18.80 -24.91 12.43
N SER B 311 -19.37 -25.81 11.62
CA SER B 311 -20.80 -26.07 11.62
C SER B 311 -21.04 -27.56 11.88
N ASP B 312 -22.24 -27.86 12.38
CA ASP B 312 -22.65 -29.25 12.59
C ASP B 312 -23.15 -29.91 11.30
N CYS B 313 -23.36 -29.15 10.23
CA CYS B 313 -23.93 -29.71 9.02
C CYS B 313 -23.61 -28.85 7.81
N1 HLP C . 8.22 14.17 8.95
C4 HLP C . 9.00 14.11 10.17
C5 HLP C . 6.92 14.41 8.90
C6 HLP C . 6.56 14.42 7.57
C7 HLP C . 8.65 14.05 7.70
C8 HLP C . 7.74 12.83 12.07
C1 HLP C . 8.88 9.34 11.51
C2 HLP C . 8.56 10.81 11.56
C3 HLP C . 8.62 12.87 10.97
C9 HLP C . 7.72 11.45 12.47
N2 HLP C . 7.65 14.20 6.85
O1 HLP C . 8.31 8.52 12.26
O2 HLP C . 9.70 8.96 10.66
O3 HLP C . 9.07 11.67 10.72
H42 HLP C . 9.94 14.07 9.96
H41 HLP C . 8.82 14.90 10.71
H51 HLP C . 6.36 14.54 9.63
H61 HLP C . 5.70 14.56 7.22
H71 HLP C . 9.54 13.87 7.45
H81 HLP C . 7.29 13.55 12.46
H91 HLP C . 7.25 11.08 13.18
N1 HLP D . -7.57 -12.76 -4.67
C4 HLP D . -8.05 -11.94 -3.57
C5 HLP D . -6.31 -12.93 -5.03
C6 HLP D . -6.31 -13.79 -6.12
C7 HLP D . -8.31 -13.47 -5.51
C8 HLP D . -6.56 -9.86 -3.04
C1 HLP D . -8.00 -7.33 -5.38
C2 HLP D . -7.58 -8.50 -4.52
C3 HLP D . -7.60 -10.50 -3.74
C9 HLP D . -6.55 -8.53 -3.57
N2 HLP D . -7.57 -14.11 -6.39
O1 HLP D . -9.00 -7.48 -6.10
O2 HLP D . -7.35 -6.24 -5.38
O3 HLP D . -8.15 -9.67 -4.58
H42 HLP D . -7.70 -12.28 -2.73
H41 HLP D . -9.02 -11.97 -3.54
H51 HLP D . -5.56 -12.55 -4.62
H61 HLP D . -5.56 -14.09 -6.58
H71 HLP D . -9.24 -13.52 -5.48
H81 HLP D . -6.01 -10.22 -2.40
H91 HLP D . -5.99 -7.83 -3.33
#